data_9R4Z
#
_entry.id   9R4Z
#
_cell.length_a   1.00
_cell.length_b   1.00
_cell.length_c   1.00
_cell.angle_alpha   90.00
_cell.angle_beta   90.00
_cell.angle_gamma   90.00
#
_symmetry.space_group_name_H-M   'P 1'
#
_entity_poly.entity_id   1
_entity_poly.type   'polypeptide(L)'
_entity_poly.pdbx_seq_one_letter_code
;GFFSFIGEAFQGAGDMWRAYTDMKEAGWKDGDKYFHARGNYDAAQRGPGGVWAAEKISDARESFQEFFGRGHEDTMADQE
ANRHGRSGKDPNYYRPPGLPAKY
;
_entity_poly.pdbx_strand_id   A,B,C,D,E,F,G,H,I,L,M,N
#
# COMPACT_ATOMS: atom_id res chain seq x y z
N GLY A 1 8.55 -9.55 -0.59
CA GLY A 1 8.16 -10.88 -1.00
C GLY A 1 6.96 -10.88 -1.93
N PHE A 2 7.11 -11.50 -3.09
CA PHE A 2 6.07 -11.55 -4.10
C PHE A 2 5.81 -13.00 -4.47
N PHE A 3 4.56 -13.43 -4.43
CA PHE A 3 4.19 -14.80 -4.75
C PHE A 3 2.93 -14.76 -5.59
N SER A 4 3.01 -15.25 -6.82
CA SER A 4 1.88 -15.19 -7.74
C SER A 4 1.74 -16.53 -8.42
N PHE A 5 0.68 -17.27 -8.07
CA PHE A 5 0.40 -18.55 -8.69
C PHE A 5 -0.82 -18.41 -9.57
N ILE A 6 -0.73 -18.85 -10.82
CA ILE A 6 -1.86 -18.80 -11.73
C ILE A 6 -2.01 -20.09 -12.52
N GLY A 7 -3.13 -20.78 -12.38
CA GLY A 7 -3.27 -22.10 -13.04
C GLY A 7 -4.44 -22.11 -14.00
N GLU A 8 -4.26 -22.67 -15.20
CA GLU A 8 -5.39 -22.66 -16.16
C GLU A 8 -5.47 -23.97 -16.96
N ALA A 9 -6.67 -24.40 -17.32
CA ALA A 9 -6.85 -25.59 -18.19
C ALA A 9 -6.17 -26.85 -17.67
N PHE A 10 -6.02 -27.01 -16.35
CA PHE A 10 -5.24 -28.19 -15.85
C PHE A 10 -6.13 -29.16 -15.07
N GLN A 11 -5.76 -30.44 -15.08
CA GLN A 11 -6.49 -31.45 -14.26
C GLN A 11 -5.49 -32.00 -13.24
N GLY A 12 -5.90 -32.17 -11.98
CA GLY A 12 -4.93 -32.58 -10.99
C GLY A 12 -5.51 -33.61 -10.05
N ALA A 13 -4.64 -34.17 -9.23
CA ALA A 13 -5.07 -35.09 -8.19
C ALA A 13 -4.72 -34.63 -6.78
N GLY A 14 -3.69 -33.81 -6.62
CA GLY A 14 -3.38 -33.34 -5.28
C GLY A 14 -2.10 -32.55 -5.12
N ASP A 15 -2.02 -31.78 -4.04
CA ASP A 15 -0.80 -31.14 -3.54
C ASP A 15 -0.19 -30.18 -4.57
N MET A 16 -1.00 -29.23 -5.02
CA MET A 16 -0.55 -28.29 -6.03
C MET A 16 -0.71 -26.86 -5.54
N TRP A 17 0.09 -25.98 -6.15
CA TRP A 17 -0.01 -24.52 -6.04
C TRP A 17 0.19 -24.03 -4.62
N ARG A 18 1.20 -24.59 -3.94
CA ARG A 18 1.39 -24.26 -2.51
C ARG A 18 2.60 -23.34 -2.29
N ALA A 19 2.49 -22.41 -1.35
CA ALA A 19 3.56 -21.49 -0.99
C ALA A 19 3.79 -21.56 0.51
N TYR A 20 4.97 -22.01 0.92
CA TYR A 20 5.33 -21.98 2.37
C TYR A 20 6.46 -20.96 2.46
N THR A 21 6.31 -19.90 3.27
CA THR A 21 7.32 -18.81 3.22
C THR A 21 8.01 -18.49 4.54
N ASP A 22 7.53 -18.99 5.67
CA ASP A 22 8.24 -18.80 6.96
C ASP A 22 7.84 -19.96 7.86
N MET A 23 8.81 -20.79 8.29
CA MET A 23 8.40 -22.03 8.99
C MET A 23 9.59 -22.56 9.81
N LYS A 24 9.60 -22.29 11.12
CA LYS A 24 10.74 -22.73 11.96
C LYS A 24 10.29 -23.90 12.83
N GLU A 25 11.12 -24.94 12.94
CA GLU A 25 10.70 -26.15 13.70
C GLU A 25 9.35 -26.62 13.17
N ALA A 26 9.29 -26.99 11.88
CA ALA A 26 8.04 -27.46 11.26
C ALA A 26 8.18 -28.91 10.78
N GLY A 27 7.08 -29.64 10.64
CA GLY A 27 7.17 -31.01 10.19
C GLY A 27 5.88 -31.39 9.51
N TRP A 28 5.99 -32.12 8.40
CA TRP A 28 4.72 -32.54 7.76
C TRP A 28 4.87 -33.80 6.92
N LYS A 29 3.74 -34.45 6.68
CA LYS A 29 3.67 -35.66 5.89
C LYS A 29 2.54 -35.56 4.88
N ASP A 30 2.82 -35.97 3.64
CA ASP A 30 1.78 -36.07 2.62
C ASP A 30 1.68 -37.51 2.14
N GLY A 31 0.52 -37.84 1.57
CA GLY A 31 0.20 -39.20 1.19
C GLY A 31 0.32 -39.45 -0.29
N ASP A 32 -0.12 -40.65 -0.69
CA ASP A 32 -0.04 -41.07 -2.07
C ASP A 32 -1.04 -40.32 -2.93
N LYS A 33 -0.69 -40.15 -4.21
CA LYS A 33 -1.54 -39.37 -5.11
C LYS A 33 -1.69 -40.09 -6.43
N TYR A 34 -2.93 -40.46 -6.77
CA TYR A 34 -3.22 -41.30 -7.92
C TYR A 34 -4.00 -40.51 -8.95
N PHE A 35 -3.59 -40.60 -10.21
CA PHE A 35 -4.35 -40.08 -11.33
C PHE A 35 -4.69 -41.28 -12.21
N HIS A 36 -5.98 -41.52 -12.43
CA HIS A 36 -6.43 -42.64 -13.23
C HIS A 36 -7.43 -42.13 -14.25
N ALA A 37 -7.10 -42.27 -15.53
CA ALA A 37 -7.94 -41.72 -16.59
C ALA A 37 -8.16 -42.76 -17.68
N ARG A 38 -9.42 -42.96 -18.05
CA ARG A 38 -9.72 -43.88 -19.13
C ARG A 38 -10.80 -43.30 -20.03
N GLY A 39 -10.58 -43.35 -21.33
CA GLY A 39 -11.62 -43.09 -22.30
C GLY A 39 -12.11 -41.67 -22.38
N ASN A 40 -11.34 -40.72 -21.88
CA ASN A 40 -11.79 -39.33 -21.85
C ASN A 40 -11.76 -38.72 -23.25
N TYR A 41 -12.32 -37.53 -23.35
CA TYR A 41 -12.37 -36.78 -24.60
C TYR A 41 -12.22 -35.31 -24.29
N ASP A 42 -11.20 -34.68 -24.88
CA ASP A 42 -10.96 -33.23 -24.82
C ASP A 42 -10.76 -32.73 -23.39
N ALA A 43 -9.84 -33.36 -22.67
CA ALA A 43 -9.50 -32.90 -21.33
C ALA A 43 -8.27 -32.02 -21.37
N ALA A 44 -8.20 -31.05 -20.45
CA ALA A 44 -6.99 -30.18 -20.32
C ALA A 44 -6.72 -29.37 -21.58
N GLN A 45 -7.71 -28.58 -22.04
CA GLN A 45 -7.54 -27.79 -23.30
C GLN A 45 -7.44 -26.29 -23.01
N ARG A 46 -6.62 -25.56 -23.77
CA ARG A 46 -6.44 -24.13 -23.61
C ARG A 46 -6.38 -23.45 -24.97
N GLY A 47 -7.00 -22.29 -25.09
CA GLY A 47 -6.94 -21.52 -26.31
C GLY A 47 -5.64 -20.75 -26.42
N PRO A 48 -5.58 -19.78 -27.33
CA PRO A 48 -4.36 -19.00 -27.51
C PRO A 48 -4.05 -18.08 -26.34
N GLY A 49 -2.91 -17.41 -26.37
CA GLY A 49 -2.60 -16.41 -25.38
C GLY A 49 -1.13 -16.37 -25.03
N GLY A 50 -0.66 -15.17 -24.71
CA GLY A 50 0.73 -14.96 -24.33
C GLY A 50 0.90 -14.89 -22.82
N VAL A 51 2.11 -15.21 -22.37
CA VAL A 51 2.41 -15.26 -20.95
C VAL A 51 3.59 -14.33 -20.69
N TRP A 52 3.31 -13.19 -20.04
CA TRP A 52 4.36 -12.19 -19.74
C TRP A 52 4.75 -12.29 -18.27
N ALA A 53 5.99 -12.68 -17.98
CA ALA A 53 6.44 -12.79 -16.59
C ALA A 53 7.58 -11.83 -16.33
N ALA A 54 7.29 -10.76 -15.57
CA ALA A 54 8.29 -9.74 -15.27
C ALA A 54 8.30 -9.38 -13.80
N GLU A 55 9.28 -8.60 -13.36
CA GLU A 55 9.33 -8.14 -11.99
C GLU A 55 8.99 -6.66 -11.96
N LYS A 56 8.98 -6.02 -13.12
CA LYS A 56 8.66 -4.60 -13.17
C LYS A 56 8.62 -4.00 -14.55
N ILE A 57 7.44 -3.71 -15.08
CA ILE A 57 7.34 -3.00 -16.33
C ILE A 57 7.24 -1.50 -16.06
N SER A 58 8.05 -0.71 -16.77
CA SER A 58 8.13 0.75 -16.54
C SER A 58 7.98 1.55 -17.84
N ASP A 59 7.17 2.61 -17.80
CA ASP A 59 7.00 3.51 -18.98
C ASP A 59 6.70 2.68 -20.24
N ALA A 60 5.86 1.65 -20.11
CA ALA A 60 5.46 0.86 -21.31
C ALA A 60 4.49 1.70 -22.14
N ARG A 61 4.98 2.26 -23.26
CA ARG A 61 4.10 3.07 -24.13
C ARG A 61 3.53 2.35 -25.36
N GLU A 62 2.20 2.27 -25.46
CA GLU A 62 1.54 1.59 -26.60
C GLU A 62 2.08 0.16 -26.61
N SER A 63 2.25 -0.46 -25.44
CA SER A 63 2.84 -1.78 -25.43
C SER A 63 1.88 -2.79 -24.85
N PHE A 64 2.30 -4.06 -24.86
CA PHE A 64 1.58 -5.20 -24.26
C PHE A 64 0.18 -5.32 -24.83
N GLN A 65 0.14 -5.58 -26.13
CA GLN A 65 -1.12 -5.60 -26.86
C GLN A 65 -1.25 -6.93 -27.56
N GLU A 66 -2.38 -7.60 -27.35
CA GLU A 66 -2.63 -8.82 -28.07
C GLU A 66 -3.98 -8.72 -28.76
N PHE A 67 -3.99 -9.07 -30.05
CA PHE A 67 -5.19 -8.99 -30.86
C PHE A 67 -5.60 -10.40 -31.27
N PHE A 68 -6.88 -10.69 -31.18
CA PHE A 68 -7.41 -11.98 -31.58
C PHE A 68 -8.43 -11.74 -32.67
N GLY A 69 -8.26 -12.40 -33.81
CA GLY A 69 -9.24 -12.32 -34.87
C GLY A 69 -9.79 -13.67 -35.27
N GLY B 1 5.90 5.39 -10.03
CA GLY B 1 6.66 6.62 -9.89
C GLY B 1 7.21 6.81 -8.49
N PHE B 2 8.52 7.00 -8.40
CA PHE B 2 9.22 7.15 -7.14
C PHE B 2 10.00 8.45 -7.16
N PHE B 3 9.83 9.29 -6.15
CA PHE B 3 10.51 10.57 -6.07
C PHE B 3 10.97 10.76 -4.64
N SER B 4 12.28 10.85 -4.42
CA SER B 4 12.82 10.96 -3.08
C SER B 4 13.89 12.04 -3.07
N PHE B 5 13.59 13.16 -2.42
CA PHE B 5 14.54 14.26 -2.30
C PHE B 5 15.00 14.33 -0.86
N ILE B 6 16.31 14.36 -0.64
CA ILE B 6 16.86 14.48 0.70
C ILE B 6 18.00 15.49 0.76
N GLY B 7 17.85 16.55 1.55
CA GLY B 7 18.89 17.61 1.56
C GLY B 7 19.49 17.79 2.93
N GLU B 8 20.81 17.91 3.02
CA GLU B 8 21.42 18.05 4.37
C GLU B 8 22.59 19.05 4.37
N ALA B 9 22.79 19.77 5.47
CA ALA B 9 23.95 20.67 5.61
C ALA B 9 24.09 21.69 4.49
N PHE B 10 22.98 22.13 3.87
CA PHE B 10 23.13 23.04 2.70
C PHE B 10 22.56 24.43 2.99
N GLN B 11 23.11 25.45 2.33
CA GLN B 11 22.56 26.83 2.45
C GLN B 11 22.06 27.23 1.06
N GLY B 12 20.88 27.86 0.96
CA GLY B 12 20.36 28.14 -0.35
C GLY B 12 19.74 29.51 -0.41
N ALA B 13 19.39 29.92 -1.62
CA ALA B 13 18.68 31.17 -1.81
C ALA B 13 17.32 31.00 -2.48
N GLY B 14 17.12 29.95 -3.26
CA GLY B 14 15.82 29.76 -3.86
C GLY B 14 15.69 28.64 -4.87
N ASP B 15 14.45 28.21 -5.10
CA ASP B 15 14.06 27.32 -6.21
C ASP B 15 14.79 25.98 -6.16
N MET B 16 14.68 25.30 -5.04
CA MET B 16 15.37 24.03 -4.86
C MET B 16 14.38 22.93 -4.51
N TRP B 17 14.80 21.70 -4.80
CA TRP B 17 14.16 20.45 -4.36
C TRP B 17 12.74 20.31 -4.89
N ARG B 18 12.56 20.63 -6.18
CA ARG B 18 11.19 20.64 -6.74
C ARG B 18 10.95 19.45 -7.68
N ALA B 19 9.74 18.89 -7.64
CA ALA B 19 9.34 17.78 -8.49
C ALA B 19 8.06 18.16 -9.22
N TYR B 20 8.12 18.25 -10.54
CA TYR B 20 6.88 18.47 -11.35
C TYR B 20 6.69 17.18 -12.13
N THR B 21 5.56 16.48 -11.99
CA THR B 21 5.45 15.13 -12.61
C THR B 21 4.30 14.95 -13.59
N ASP B 22 3.34 15.86 -13.66
CA ASP B 22 2.27 15.77 -14.69
C ASP B 22 1.77 17.20 -14.93
N MET B 23 1.91 17.70 -16.16
CA MET B 23 1.61 19.15 -16.35
C MET B 23 1.33 19.42 -17.84
N LYS B 24 0.05 19.52 -18.22
CA LYS B 24 -0.29 19.72 -19.65
C LYS B 24 -0.77 21.16 -19.83
N GLU B 25 -0.30 21.83 -20.89
CA GLU B 25 -0.66 23.26 -21.08
C GLU B 25 -0.33 24.03 -19.80
N ALA B 26 0.96 24.04 -19.42
CA ALA B 26 1.39 24.75 -18.19
C ALA B 26 2.38 25.87 -18.54
N GLY B 27 2.51 26.88 -17.68
CA GLY B 27 3.42 27.97 -17.98
C GLY B 27 3.88 28.58 -16.68
N TRP B 28 5.16 28.91 -16.60
CA TRP B 28 5.59 29.57 -15.34
C TRP B 28 6.84 30.42 -15.52
N LYS B 29 7.02 31.35 -14.59
CA LYS B 29 8.16 32.26 -14.59
C LYS B 29 8.77 32.31 -13.20
N ASP B 30 10.10 32.25 -13.14
CA ASP B 30 10.82 32.45 -11.89
C ASP B 30 11.74 33.65 -12.01
N GLY B 31 12.11 34.21 -10.85
CA GLY B 31 12.86 35.45 -10.79
C GLY B 31 14.32 35.24 -10.48
N ASP B 32 15.00 36.37 -10.25
CA ASP B 32 16.42 36.36 -9.97
C ASP B 32 16.70 35.82 -8.58
N LYS B 33 17.88 35.21 -8.43
CA LYS B 33 18.22 34.57 -7.16
C LYS B 33 19.64 34.93 -6.77
N TYR B 34 19.78 35.61 -5.63
CA TYR B 34 21.06 36.16 -5.20
C TYR B 34 21.53 35.47 -3.94
N PHE B 35 22.80 35.07 -3.92
CA PHE B 35 23.46 34.59 -2.72
C PHE B 35 24.60 35.55 -2.43
N HIS B 36 24.59 36.17 -1.25
CA HIS B 36 25.60 37.13 -0.87
C HIS B 36 26.12 36.76 0.51
N ALA B 37 27.40 36.43 0.60
CA ALA B 37 27.97 35.96 1.86
C ALA B 37 29.27 36.69 2.16
N ARG B 38 29.39 37.22 3.37
CA ARG B 38 30.62 37.87 3.76
C ARG B 38 30.98 37.49 5.19
N GLY B 39 32.23 37.12 5.41
CA GLY B 39 32.78 37.01 6.75
C GLY B 39 32.23 35.89 7.58
N ASN B 40 31.62 34.88 6.97
CA ASN B 40 31.00 33.81 7.73
C ASN B 40 32.06 32.89 8.33
N TYR B 41 31.59 31.99 9.18
CA TYR B 41 32.45 31.00 9.84
C TYR B 41 31.68 29.72 9.98
N ASP B 42 32.23 28.63 9.42
CA ASP B 42 31.72 27.26 9.56
C ASP B 42 30.29 27.11 9.03
N ALA B 43 30.07 27.54 7.80
CA ALA B 43 28.77 27.36 7.16
C ALA B 43 28.79 26.12 6.29
N ALA B 44 27.62 25.46 6.16
CA ALA B 44 27.48 24.29 5.26
C ALA B 44 28.40 23.13 5.65
N GLN B 45 28.30 22.66 6.90
CA GLN B 45 29.20 21.57 7.37
C GLN B 45 28.43 20.25 7.58
N ARG B 46 29.06 19.11 7.27
CA ARG B 46 28.44 17.80 7.43
C ARG B 46 29.45 16.82 8.01
N GLY B 47 29.00 15.96 8.91
CA GLY B 47 29.85 14.93 9.46
C GLY B 47 29.98 13.75 8.52
N PRO B 48 30.47 12.62 9.03
CA PRO B 48 30.64 11.44 8.19
C PRO B 48 29.33 10.81 7.75
N GLY B 49 29.39 9.80 6.91
CA GLY B 49 28.20 9.04 6.56
C GLY B 49 28.22 8.58 5.12
N GLY B 50 27.60 7.42 4.89
CA GLY B 50 27.51 6.84 3.57
C GLY B 50 26.16 7.11 2.93
N VAL B 51 26.15 7.09 1.60
CA VAL B 51 24.94 7.39 0.83
C VAL B 51 24.65 6.20 -0.07
N TRP B 52 23.59 5.45 0.26
CA TRP B 52 23.22 4.26 -0.53
C TRP B 52 22.01 4.59 -1.41
N ALA B 53 22.17 4.58 -2.72
CA ALA B 53 21.05 4.88 -3.63
C ALA B 53 20.74 3.68 -4.50
N ALA B 54 19.61 3.02 -4.21
CA ALA B 54 19.21 1.83 -4.95
C ALA B 54 17.75 1.89 -5.35
N GLU B 55 17.30 0.95 -6.19
CA GLU B 55 15.91 0.88 -6.57
C GLU B 55 15.28 -0.32 -5.88
N LYS B 56 16.10 -1.19 -5.32
CA LYS B 56 15.57 -2.37 -4.65
C LYS B 56 16.60 -3.26 -3.99
N ILE B 57 16.70 -3.23 -2.67
CA ILE B 57 17.56 -4.16 -1.98
C ILE B 57 16.76 -5.40 -1.59
N SER B 58 17.31 -6.58 -1.88
CA SER B 58 16.60 -7.86 -1.65
C SER B 58 17.46 -8.86 -0.87
N ASP B 59 16.86 -9.52 0.13
CA ASP B 59 17.58 -10.58 0.91
C ASP B 59 18.93 -10.06 1.39
N ALA B 60 19.00 -8.80 1.83
CA ALA B 60 20.26 -8.26 2.39
C ALA B 60 20.49 -8.89 3.77
N ARG B 61 21.42 -9.85 3.85
CA ARG B 61 21.72 -10.50 5.15
C ARG B 61 22.96 -9.97 5.88
N GLU B 62 22.77 -9.45 7.10
CA GLU B 62 23.89 -8.91 7.91
C GLU B 62 24.53 -7.82 7.04
N SER B 63 23.73 -7.01 6.34
CA SER B 63 24.32 -6.04 5.45
C SER B 63 23.94 -4.63 5.87
N PHE B 64 24.49 -3.65 5.16
CA PHE B 64 24.19 -2.21 5.31
C PHE B 64 24.42 -1.75 6.75
N GLN B 65 25.68 -1.85 7.14
CA GLN B 65 26.05 -1.57 8.52
C GLN B 65 27.13 -0.51 8.53
N GLU B 66 26.91 0.54 9.31
CA GLU B 66 27.95 1.54 9.46
C GLU B 66 28.22 1.75 10.94
N PHE B 67 29.51 1.73 11.29
CA PHE B 67 29.94 1.87 12.66
C PHE B 67 30.71 3.17 12.80
N PHE B 68 30.43 3.92 13.86
CA PHE B 68 31.13 5.16 14.14
C PHE B 68 31.80 5.02 15.49
N GLY B 69 33.11 5.26 15.55
CA GLY B 69 33.81 5.25 16.80
C GLY B 69 34.53 6.56 17.09
N GLY C 1 4.66 -8.57 2.05
CA GLY C 1 4.26 -9.89 1.62
C GLY C 1 3.06 -9.85 0.70
N PHE C 2 3.21 -10.45 -0.48
CA PHE C 2 2.18 -10.47 -1.50
C PHE C 2 1.91 -11.91 -1.89
N PHE C 3 0.64 -12.32 -1.86
CA PHE C 3 0.25 -13.68 -2.22
C PHE C 3 -1.00 -13.62 -3.06
N SER C 4 -0.91 -14.08 -4.30
CA SER C 4 -2.04 -14.00 -5.21
C SER C 4 -2.20 -15.32 -5.94
N PHE C 5 -3.27 -16.05 -5.60
CA PHE C 5 -3.56 -17.32 -6.23
C PHE C 5 -4.77 -17.16 -7.12
N ILE C 6 -4.68 -17.57 -8.37
CA ILE C 6 -5.80 -17.48 -9.29
C ILE C 6 -5.96 -18.76 -10.11
N GLY C 7 -7.10 -19.44 -9.98
CA GLY C 7 -7.25 -20.74 -10.67
C GLY C 7 -8.42 -20.72 -11.63
N GLU C 8 -8.24 -21.28 -12.84
CA GLU C 8 -9.35 -21.23 -13.81
C GLU C 8 -9.45 -22.53 -14.62
N ALA C 9 -10.65 -22.93 -14.99
CA ALA C 9 -10.85 -24.10 -15.89
C ALA C 9 -10.18 -25.38 -15.39
N PHE C 10 -10.04 -25.56 -14.07
CA PHE C 10 -9.29 -26.75 -13.59
C PHE C 10 -10.19 -27.73 -12.84
N GLN C 11 -9.84 -29.02 -12.86
CA GLN C 11 -10.59 -30.03 -12.06
C GLN C 11 -9.59 -30.60 -11.05
N GLY C 12 -10.01 -30.80 -9.79
CA GLY C 12 -9.05 -31.23 -8.81
C GLY C 12 -9.65 -32.28 -7.89
N ALA C 13 -8.79 -32.86 -7.06
CA ALA C 13 -9.24 -33.79 -6.05
C ALA C 13 -8.88 -33.36 -4.64
N GLY C 14 -7.85 -32.56 -4.45
CA GLY C 14 -7.54 -32.11 -3.11
C GLY C 14 -6.25 -31.34 -2.93
N ASP C 15 -6.17 -30.59 -1.82
CA ASP C 15 -4.94 -29.98 -1.32
C ASP C 15 -4.32 -29.01 -2.32
N MET C 16 -5.11 -28.04 -2.76
CA MET C 16 -4.65 -27.09 -3.76
C MET C 16 -4.79 -25.67 -3.25
N TRP C 17 -3.97 -24.79 -3.82
CA TRP C 17 -4.05 -23.33 -3.69
C TRP C 17 -3.86 -22.87 -2.26
N ARG C 18 -2.86 -23.45 -1.59
CA ARG C 18 -2.67 -23.15 -0.15
C ARG C 18 -1.44 -22.25 0.09
N ALA C 19 -1.56 -21.33 1.05
CA ALA C 19 -0.47 -20.43 1.43
C ALA C 19 -0.26 -20.53 2.92
N TYR C 20 0.92 -21.01 3.34
CA TYR C 20 1.27 -21.00 4.78
C TYR C 20 2.41 -19.99 4.90
N THR C 21 2.27 -18.94 5.73
CA THR C 21 3.30 -17.87 5.69
C THR C 21 3.98 -17.59 7.02
N ASP C 22 3.48 -18.10 8.15
CA ASP C 22 4.20 -17.93 9.45
C ASP C 22 3.78 -19.12 10.33
N MET C 23 4.74 -19.96 10.74
CA MET C 23 4.30 -21.21 11.42
C MET C 23 5.48 -21.76 12.24
N LYS C 24 5.49 -21.51 13.55
CA LYS C 24 6.63 -21.98 14.39
C LYS C 24 6.15 -23.17 15.23
N GLU C 25 6.97 -24.22 15.33
CA GLU C 25 6.54 -25.43 16.07
C GLU C 25 5.17 -25.88 15.52
N ALA C 26 5.12 -26.22 14.23
CA ALA C 26 3.86 -26.67 13.59
C ALA C 26 4.00 -28.10 13.09
N GLY C 27 2.88 -28.82 12.92
CA GLY C 27 2.96 -30.18 12.46
C GLY C 27 1.67 -30.54 11.76
N TRP C 28 1.77 -31.25 10.64
CA TRP C 28 0.50 -31.64 9.99
C TRP C 28 0.64 -32.88 9.12
N LYS C 29 -0.49 -33.52 8.87
CA LYS C 29 -0.57 -34.72 8.06
C LYS C 29 -1.70 -34.59 7.04
N ASP C 30 -1.43 -34.98 5.80
CA ASP C 30 -2.45 -35.05 4.78
C ASP C 30 -2.58 -36.48 4.27
N GLY C 31 -3.74 -36.79 3.70
CA GLY C 31 -4.07 -38.14 3.29
C GLY C 31 -3.94 -38.37 1.80
N ASP C 32 -4.40 -39.54 1.38
CA ASP C 32 -4.31 -39.94 -0.01
C ASP C 32 -5.30 -39.16 -0.86
N LYS C 33 -4.95 -38.97 -2.14
CA LYS C 33 -5.78 -38.18 -3.02
C LYS C 33 -5.93 -38.87 -4.36
N TYR C 34 -7.17 -39.21 -4.71
CA TYR C 34 -7.46 -40.03 -5.88
C TYR C 34 -8.24 -39.21 -6.90
N PHE C 35 -7.82 -39.28 -8.15
CA PHE C 35 -8.57 -38.75 -9.28
C PHE C 35 -8.92 -39.92 -10.18
N HIS C 36 -10.21 -40.13 -10.41
CA HIS C 36 -10.67 -41.25 -11.23
C HIS C 36 -11.66 -40.70 -12.25
N ALA C 37 -11.32 -40.82 -13.53
CA ALA C 37 -12.15 -40.24 -14.58
C ALA C 37 -12.37 -41.25 -15.68
N ARG C 38 -13.64 -41.44 -16.06
CA ARG C 38 -13.94 -42.34 -17.16
C ARG C 38 -15.01 -41.72 -18.06
N GLY C 39 -14.78 -41.75 -19.36
CA GLY C 39 -15.82 -41.46 -20.33
C GLY C 39 -16.29 -40.04 -20.39
N ASN C 40 -15.51 -39.10 -19.87
CA ASN C 40 -15.94 -37.71 -19.82
C ASN C 40 -15.90 -37.08 -21.20
N TYR C 41 -16.44 -35.88 -21.28
CA TYR C 41 -16.47 -35.12 -22.53
C TYR C 41 -16.30 -33.65 -22.18
N ASP C 42 -15.28 -33.01 -22.76
CA ASP C 42 -15.02 -31.57 -22.67
C ASP C 42 -14.82 -31.10 -21.24
N ALA C 43 -13.91 -31.74 -20.52
CA ALA C 43 -13.58 -31.32 -19.17
C ALA C 43 -12.33 -30.45 -19.19
N ALA C 44 -12.25 -29.50 -18.25
CA ALA C 44 -11.04 -28.66 -18.10
C ALA C 44 -10.76 -27.82 -19.35
N GLN C 45 -11.73 -27.01 -19.80
CA GLN C 45 -11.54 -26.21 -21.04
C GLN C 45 -11.43 -24.71 -20.72
N ARG C 46 -10.59 -23.98 -21.48
CA ARG C 46 -10.39 -22.55 -21.29
C ARG C 46 -10.32 -21.86 -22.63
N GLY C 47 -10.92 -20.68 -22.74
CA GLY C 47 -10.84 -19.90 -23.94
C GLY C 47 -9.53 -19.14 -24.03
N PRO C 48 -9.47 -18.14 -24.92
CA PRO C 48 -8.22 -17.38 -25.09
C PRO C 48 -7.91 -16.48 -23.90
N GLY C 49 -6.77 -15.84 -23.92
CA GLY C 49 -6.44 -14.85 -22.90
C GLY C 49 -4.97 -14.83 -22.55
N GLY C 50 -4.49 -13.65 -22.20
CA GLY C 50 -3.10 -13.46 -21.80
C GLY C 50 -2.94 -13.42 -20.30
N VAL C 51 -1.74 -13.77 -19.85
CA VAL C 51 -1.44 -13.84 -18.43
C VAL C 51 -0.25 -12.93 -18.14
N TRP C 52 -0.53 -11.80 -17.48
CA TRP C 52 0.54 -10.82 -17.16
C TRP C 52 0.93 -10.94 -15.68
N ALA C 53 2.15 -11.37 -15.39
CA ALA C 53 2.59 -11.50 -14.01
C ALA C 53 3.75 -10.55 -13.72
N ALA C 54 3.47 -9.50 -12.95
CA ALA C 54 4.48 -8.50 -12.63
C ALA C 54 4.48 -8.17 -11.15
N GLU C 55 5.47 -7.41 -10.69
CA GLU C 55 5.51 -6.97 -9.32
C GLU C 55 5.19 -5.49 -9.26
N LYS C 56 5.20 -4.83 -10.41
CA LYS C 56 4.90 -3.40 -10.43
C LYS C 56 4.88 -2.77 -11.81
N ILE C 57 3.70 -2.46 -12.33
CA ILE C 57 3.62 -1.73 -13.58
C ILE C 57 3.53 -0.23 -13.28
N SER C 58 4.36 0.55 -13.97
CA SER C 58 4.46 2.01 -13.71
C SER C 58 4.32 2.84 -15.00
N ASP C 59 3.52 3.91 -14.95
CA ASP C 59 3.37 4.83 -16.12
C ASP C 59 3.07 4.03 -17.38
N ALA C 60 2.22 3.00 -17.28
CA ALA C 60 1.82 2.24 -18.49
C ALA C 60 0.86 3.11 -19.31
N ARG C 61 1.35 3.67 -20.42
CA ARG C 61 0.49 4.52 -21.29
C ARG C 61 -0.08 3.83 -22.54
N GLU C 62 -1.41 3.76 -22.63
CA GLU C 62 -2.08 3.11 -23.79
C GLU C 62 -1.54 1.68 -23.82
N SER C 63 -1.40 1.03 -22.66
CA SER C 63 -0.82 -0.29 -22.67
C SER C 63 -1.80 -1.30 -22.12
N PHE C 64 -1.39 -2.58 -22.14
CA PHE C 64 -2.12 -3.71 -21.57
C PHE C 64 -3.53 -3.81 -22.14
N GLN C 65 -3.56 -4.05 -23.45
CA GLN C 65 -4.82 -4.04 -24.18
C GLN C 65 -4.97 -5.36 -24.92
N GLU C 66 -6.10 -6.01 -24.72
CA GLU C 66 -6.37 -7.22 -25.47
C GLU C 66 -7.71 -7.09 -26.16
N PHE C 67 -7.72 -7.42 -27.45
CA PHE C 67 -8.91 -7.30 -28.27
C PHE C 67 -9.33 -8.69 -28.70
N PHE C 68 -10.62 -8.98 -28.62
CA PHE C 68 -11.17 -10.25 -29.04
C PHE C 68 -12.18 -9.99 -30.14
N GLY C 69 -12.01 -10.63 -31.28
CA GLY C 69 -12.98 -10.52 -32.36
C GLY C 69 -13.55 -11.85 -32.78
N GLY D 1 2.26 6.58 -7.14
CA GLY D 1 3.02 7.79 -6.97
C GLY D 1 3.57 7.94 -5.57
N PHE D 2 4.89 8.12 -5.47
CA PHE D 2 5.57 8.24 -4.20
C PHE D 2 6.38 9.53 -4.20
N PHE D 3 6.20 10.35 -3.16
CA PHE D 3 6.92 11.62 -3.05
C PHE D 3 7.37 11.79 -1.62
N SER D 4 8.67 11.85 -1.41
CA SER D 4 9.21 11.93 -0.06
C SER D 4 10.30 12.99 -0.01
N PHE D 5 10.00 14.12 0.65
CA PHE D 5 10.95 15.20 0.80
C PHE D 5 11.42 15.24 2.23
N ILE D 6 12.72 15.25 2.45
CA ILE D 6 13.27 15.34 3.80
C ILE D 6 14.42 16.33 3.89
N GLY D 7 14.28 17.37 4.70
CA GLY D 7 15.33 18.41 4.73
C GLY D 7 15.93 18.56 6.11
N GLU D 8 17.26 18.68 6.21
CA GLU D 8 17.86 18.78 7.55
C GLU D 8 19.04 19.77 7.57
N ALA D 9 19.24 20.46 8.68
CA ALA D 9 20.42 21.35 8.85
C ALA D 9 20.57 22.39 7.75
N PHE D 10 19.47 22.85 7.14
CA PHE D 10 19.64 23.78 5.98
C PHE D 10 19.09 25.17 6.30
N GLN D 11 19.65 26.20 5.65
CA GLN D 11 19.11 27.58 5.79
C GLN D 11 18.63 28.00 4.41
N GLY D 12 17.46 28.65 4.32
CA GLY D 12 16.94 28.96 3.00
C GLY D 12 16.35 30.35 2.97
N ALA D 13 16.00 30.78 1.76
CA ALA D 13 15.31 32.04 1.59
C ALA D 13 13.96 31.90 0.90
N GLY D 14 13.74 30.86 0.11
CA GLY D 14 12.45 30.70 -0.50
C GLY D 14 12.31 29.60 -1.52
N ASP D 15 11.06 29.19 -1.77
CA ASP D 15 10.67 28.33 -2.89
C ASP D 15 11.38 26.98 -2.87
N MET D 16 11.25 26.27 -1.76
CA MET D 16 11.93 25.00 -1.59
C MET D 16 10.92 23.90 -1.26
N TRP D 17 11.33 22.68 -1.58
CA TRP D 17 10.67 21.43 -1.18
C TRP D 17 9.25 21.31 -1.71
N ARG D 18 9.09 21.66 -2.99
CA ARG D 18 7.72 21.70 -3.56
C ARG D 18 7.47 20.52 -4.52
N ALA D 19 6.25 19.98 -4.50
CA ALA D 19 5.84 18.89 -5.37
C ALA D 19 4.57 19.29 -6.09
N TYR D 20 4.63 19.41 -7.42
CA TYR D 20 3.40 19.66 -8.22
C TYR D 20 3.20 18.37 -9.03
N THR D 21 2.05 17.70 -8.91
CA THR D 21 1.94 16.36 -9.54
C THR D 21 0.80 16.21 -10.53
N ASP D 22 -0.16 17.14 -10.59
CA ASP D 22 -1.23 17.08 -11.63
C ASP D 22 -1.70 18.52 -11.86
N MET D 23 -1.56 19.05 -13.08
CA MET D 23 -1.83 20.50 -13.24
C MET D 23 -2.10 20.79 -14.72
N LYS D 24 -3.38 20.91 -15.10
CA LYS D 24 -3.71 21.14 -16.54
C LYS D 24 -4.16 22.60 -16.70
N GLU D 25 -3.69 23.28 -17.74
CA GLU D 25 -4.03 24.71 -17.91
C GLU D 25 -3.68 25.46 -16.61
N ALA D 26 -2.41 25.44 -16.22
CA ALA D 26 -1.96 26.12 -14.98
C ALA D 26 -0.97 27.23 -15.31
N GLY D 27 -0.83 28.23 -14.43
CA GLY D 27 0.10 29.30 -14.71
C GLY D 27 0.56 29.90 -13.40
N TRP D 28 1.85 30.21 -13.30
CA TRP D 28 2.28 30.84 -12.03
C TRP D 28 3.54 31.68 -12.19
N LYS D 29 3.72 32.59 -11.25
CA LYS D 29 4.87 33.49 -11.22
C LYS D 29 5.48 33.50 -9.82
N ASP D 30 6.81 33.43 -9.76
CA ASP D 30 7.52 33.60 -8.51
C ASP D 30 8.46 34.79 -8.60
N GLY D 31 8.82 35.32 -7.43
CA GLY D 31 9.59 36.55 -7.35
C GLY D 31 11.05 36.32 -7.03
N ASP D 32 11.74 37.43 -6.78
CA ASP D 32 13.16 37.40 -6.49
C ASP D 32 13.43 36.83 -5.11
N LYS D 33 14.60 36.20 -4.96
CA LYS D 33 14.93 35.55 -3.70
C LYS D 33 16.35 35.88 -3.30
N TYR D 34 16.49 36.53 -2.15
CA TYR D 34 17.78 37.06 -1.71
C TYR D 34 18.23 36.34 -0.45
N PHE D 35 19.49 35.92 -0.43
CA PHE D 35 20.15 35.41 0.77
C PHE D 35 21.30 36.36 1.07
N HIS D 36 21.28 36.94 2.27
CA HIS D 36 22.31 37.90 2.67
C HIS D 36 22.81 37.49 4.04
N ALA D 37 24.09 37.14 4.14
CA ALA D 37 24.64 36.65 5.39
C ALA D 37 25.95 37.35 5.70
N ARG D 38 26.07 37.87 6.92
CA ARG D 38 27.31 38.49 7.33
C ARG D 38 27.66 38.09 8.76
N GLY D 39 28.91 37.69 8.98
CA GLY D 39 29.44 37.55 10.31
C GLY D 39 28.88 36.42 11.14
N ASN D 40 28.25 35.43 10.50
CA ASN D 40 27.62 34.36 11.23
C ASN D 40 28.65 33.41 11.82
N TYR D 41 28.18 32.50 12.66
CA TYR D 41 29.03 31.50 13.30
C TYR D 41 28.23 30.22 13.41
N ASP D 42 28.77 29.13 12.84
CA ASP D 42 28.24 27.77 12.95
C ASP D 42 26.82 27.64 12.41
N ALA D 43 26.61 28.09 11.19
CA ALA D 43 25.32 27.95 10.54
C ALA D 43 25.31 26.72 9.65
N ALA D 44 24.15 26.08 9.51
CA ALA D 44 23.99 24.93 8.58
C ALA D 44 24.89 23.76 8.96
N GLN D 45 24.78 23.26 10.20
CA GLN D 45 25.67 22.15 10.65
C GLN D 45 24.87 20.84 10.83
N ARG D 46 25.49 19.69 10.52
CA ARG D 46 24.86 18.38 10.65
C ARG D 46 25.85 17.39 11.21
N GLY D 47 25.39 16.52 12.10
CA GLY D 47 26.22 15.47 12.63
C GLY D 47 26.34 14.30 11.68
N PRO D 48 26.81 13.15 12.18
CA PRO D 48 26.98 11.99 11.30
C PRO D 48 25.66 11.38 10.85
N GLY D 49 25.71 10.39 9.99
CA GLY D 49 24.51 9.65 9.62
C GLY D 49 24.53 9.21 8.17
N GLY D 50 23.90 8.07 7.93
CA GLY D 50 23.80 7.51 6.58
C GLY D 50 22.46 7.81 5.94
N VAL D 51 22.45 7.81 4.62
CA VAL D 51 21.26 8.14 3.85
C VAL D 51 20.95 6.97 2.92
N TRP D 52 19.89 6.23 3.24
CA TRP D 52 19.50 5.05 2.42
C TRP D 52 18.30 5.41 1.54
N ALA D 53 18.47 5.44 0.23
CA ALA D 53 17.37 5.76 -0.67
C ALA D 53 17.04 4.57 -1.56
N ALA D 54 15.90 3.93 -1.29
CA ALA D 54 15.49 2.75 -2.06
C ALA D 54 14.03 2.84 -2.47
N GLU D 55 13.58 1.93 -3.32
CA GLU D 55 12.19 1.88 -3.70
C GLU D 55 11.54 0.68 -3.04
N LYS D 56 12.34 -0.22 -2.49
CA LYS D 56 11.79 -1.40 -1.84
C LYS D 56 12.81 -2.31 -1.20
N ILE D 57 12.90 -2.32 0.12
CA ILE D 57 13.75 -3.27 0.80
C ILE D 57 12.93 -4.51 1.17
N SER D 58 13.47 -5.68 0.86
CA SER D 58 12.74 -6.96 1.06
C SER D 58 13.59 -7.99 1.84
N ASP D 59 12.97 -8.66 2.82
CA ASP D 59 13.67 -9.73 3.59
C ASP D 59 15.03 -9.24 4.08
N ALA D 60 15.11 -7.98 4.54
CA ALA D 60 16.37 -7.48 5.11
C ALA D 60 16.59 -8.13 6.48
N ARG D 61 17.51 -9.09 6.55
CA ARG D 61 17.80 -9.78 7.85
C ARG D 61 19.04 -9.28 8.60
N GLU D 62 18.84 -8.78 9.81
CA GLU D 62 19.97 -8.26 10.64
C GLU D 62 20.63 -7.16 9.79
N SER D 63 19.84 -6.34 9.11
CA SER D 63 20.45 -5.35 8.23
C SER D 63 20.08 -3.95 8.67
N PHE D 64 20.65 -2.96 7.99
CA PHE D 64 20.36 -1.53 8.16
C PHE D 64 20.59 -1.09 9.60
N GLN D 65 21.85 -1.21 10.00
CA GLN D 65 22.22 -0.97 11.39
C GLN D 65 23.32 0.08 11.43
N GLU D 66 23.10 1.12 12.22
CA GLU D 66 24.15 2.10 12.40
C GLU D 66 24.42 2.29 13.87
N PHE D 67 25.70 2.24 14.23
CA PHE D 67 26.13 2.35 15.61
C PHE D 67 26.91 3.63 15.78
N PHE D 68 26.65 4.37 16.84
CA PHE D 68 27.35 5.60 17.15
C PHE D 68 28.02 5.44 18.50
N GLY D 69 29.32 5.65 18.56
CA GLY D 69 30.02 5.61 19.83
C GLY D 69 30.75 6.90 20.13
N GLY E 1 0.77 -7.57 4.70
CA GLY E 1 0.36 -8.89 4.24
C GLY E 1 -0.83 -8.81 3.31
N PHE E 2 -0.69 -9.39 2.12
CA PHE E 2 -1.72 -9.38 1.10
C PHE E 2 -2.00 -10.82 0.68
N PHE E 3 -3.28 -11.21 0.70
CA PHE E 3 -3.67 -12.55 0.32
C PHE E 3 -4.92 -12.46 -0.53
N SER E 4 -4.83 -12.92 -1.78
CA SER E 4 -5.96 -12.79 -2.69
C SER E 4 -6.13 -14.10 -3.44
N PHE E 5 -7.21 -14.82 -3.12
CA PHE E 5 -7.51 -16.09 -3.78
C PHE E 5 -8.72 -15.89 -4.66
N ILE E 6 -8.62 -16.27 -5.93
CA ILE E 6 -9.75 -16.16 -6.86
C ILE E 6 -9.92 -17.43 -7.69
N GLY E 7 -11.06 -18.09 -7.58
CA GLY E 7 -11.23 -19.37 -8.29
C GLY E 7 -12.39 -19.33 -9.27
N GLU E 8 -12.21 -19.86 -10.47
CA GLU E 8 -13.32 -19.78 -11.45
C GLU E 8 -13.43 -21.06 -12.29
N ALA E 9 -14.63 -21.45 -12.67
CA ALA E 9 -14.83 -22.59 -13.59
C ALA E 9 -14.19 -23.89 -13.10
N PHE E 10 -14.06 -24.10 -11.79
CA PHE E 10 -13.32 -25.31 -11.33
C PHE E 10 -14.24 -26.29 -10.59
N GLN E 11 -13.91 -27.58 -10.64
CA GLN E 11 -14.67 -28.60 -9.87
C GLN E 11 -13.69 -29.20 -8.85
N GLY E 12 -14.12 -29.42 -7.60
CA GLY E 12 -13.18 -29.87 -6.63
C GLY E 12 -13.78 -30.92 -5.72
N ALA E 13 -12.93 -31.52 -4.91
CA ALA E 13 -13.40 -32.48 -3.91
C ALA E 13 -13.05 -32.07 -2.48
N GLY E 14 -12.00 -31.29 -2.28
CA GLY E 14 -11.70 -30.88 -0.93
C GLY E 14 -10.40 -30.12 -0.73
N ASP E 15 -10.32 -29.40 0.39
CA ASP E 15 -9.08 -28.80 0.91
C ASP E 15 -8.44 -27.82 -0.07
N MET E 16 -9.21 -26.84 -0.50
CA MET E 16 -8.74 -25.88 -1.48
C MET E 16 -8.86 -24.46 -0.94
N TRP E 17 -8.03 -23.58 -1.51
CA TRP E 17 -8.10 -22.13 -1.35
C TRP E 17 -7.90 -21.68 0.10
N ARG E 18 -6.92 -22.30 0.76
CA ARG E 18 -6.73 -22.02 2.21
C ARG E 18 -5.50 -21.15 2.47
N ALA E 19 -5.60 -20.24 3.44
CA ALA E 19 -4.51 -19.36 3.84
C ALA E 19 -4.30 -19.50 5.34
N TYR E 20 -3.13 -19.98 5.75
CA TYR E 20 -2.79 -20.02 7.20
C TYR E 20 -1.63 -19.02 7.34
N THR E 21 -1.76 -17.98 8.17
CA THR E 21 -0.72 -16.91 8.17
C THR E 21 -0.04 -16.68 9.51
N ASP E 22 -0.55 -17.19 10.61
CA ASP E 22 0.16 -17.06 11.92
C ASP E 22 -0.28 -18.25 12.78
N MET E 23 0.66 -19.11 13.18
CA MET E 23 0.21 -20.37 13.84
C MET E 23 1.38 -20.95 14.65
N LYS E 24 1.38 -20.73 15.98
CA LYS E 24 2.50 -21.23 16.81
C LYS E 24 2.01 -22.42 17.63
N GLU E 25 2.82 -23.48 17.72
CA GLU E 25 2.36 -24.70 18.43
C GLU E 25 1.00 -25.12 17.87
N ALA E 26 0.95 -25.45 16.57
CA ALA E 26 -0.31 -25.86 15.92
C ALA E 26 -0.19 -27.30 15.40
N GLY E 27 -1.32 -27.99 15.21
CA GLY E 27 -1.26 -29.35 14.72
C GLY E 27 -2.55 -29.67 14.00
N TRP E 28 -2.44 -30.37 12.88
CA TRP E 28 -3.72 -30.73 12.22
C TRP E 28 -3.60 -31.96 11.32
N LYS E 29 -4.73 -32.58 11.06
CA LYS E 29 -4.82 -33.76 10.22
C LYS E 29 -5.94 -33.60 9.21
N ASP E 30 -5.67 -33.97 7.96
CA ASP E 30 -6.69 -34.01 6.94
C ASP E 30 -6.83 -35.42 6.40
N GLY E 31 -7.98 -35.70 5.80
CA GLY E 31 -8.34 -37.05 5.38
C GLY E 31 -8.20 -37.25 3.89
N ASP E 32 -8.67 -38.41 3.44
CA ASP E 32 -8.59 -38.79 2.04
C ASP E 32 -9.56 -37.99 1.20
N LYS E 33 -9.21 -37.78 -0.06
CA LYS E 33 -10.01 -36.96 -0.94
C LYS E 33 -10.17 -37.63 -2.29
N TYR E 34 -11.41 -37.94 -2.65
CA TYR E 34 -11.71 -38.74 -3.84
C TYR E 34 -12.47 -37.90 -4.85
N PHE E 35 -12.04 -37.95 -6.10
CA PHE E 35 -12.77 -37.38 -7.22
C PHE E 35 -13.13 -38.54 -8.14
N HIS E 36 -14.43 -38.73 -8.38
CA HIS E 36 -14.90 -39.82 -9.22
C HIS E 36 -15.87 -39.24 -10.23
N ALA E 37 -15.53 -39.34 -11.52
CA ALA E 37 -16.35 -38.74 -12.55
C ALA E 37 -16.58 -39.74 -13.68
N ARG E 38 -17.85 -39.89 -14.07
CA ARG E 38 -18.16 -40.77 -15.20
C ARG E 38 -19.21 -40.13 -16.08
N GLY E 39 -18.98 -40.14 -17.38
CA GLY E 39 -20.01 -39.82 -18.35
C GLY E 39 -20.46 -38.38 -18.39
N ASN E 40 -19.67 -37.46 -17.84
CA ASN E 40 -20.09 -36.08 -17.77
C ASN E 40 -20.02 -35.42 -19.15
N TYR E 41 -20.55 -34.20 -19.21
CA TYR E 41 -20.57 -33.43 -20.44
C TYR E 41 -20.39 -31.96 -20.07
N ASP E 42 -19.34 -31.34 -20.63
CA ASP E 42 -19.07 -29.90 -20.52
C ASP E 42 -18.87 -29.45 -19.07
N ALA E 43 -17.97 -30.13 -18.37
CA ALA E 43 -17.65 -29.73 -17.01
C ALA E 43 -16.39 -28.87 -17.00
N ALA E 44 -16.30 -27.94 -16.05
CA ALA E 44 -15.08 -27.11 -15.87
C ALA E 44 -14.78 -26.26 -17.12
N GLN E 45 -15.74 -25.44 -17.55
CA GLN E 45 -15.54 -24.61 -18.78
C GLN E 45 -15.40 -23.11 -18.43
N ARG E 46 -14.54 -22.38 -19.17
CA ARG E 46 -14.33 -20.96 -18.95
C ARG E 46 -14.25 -20.25 -20.29
N GLY E 47 -14.84 -19.06 -20.38
CA GLY E 47 -14.74 -18.25 -21.57
C GLY E 47 -13.42 -17.51 -21.64
N PRO E 48 -13.33 -16.50 -22.51
CA PRO E 48 -12.08 -15.75 -22.65
C PRO E 48 -11.76 -14.89 -21.45
N GLY E 49 -10.61 -14.25 -21.45
CA GLY E 49 -10.28 -13.29 -20.41
C GLY E 49 -8.81 -13.30 -20.05
N GLY E 50 -8.31 -12.12 -19.68
CA GLY E 50 -6.93 -11.96 -19.29
C GLY E 50 -6.78 -11.95 -17.77
N VAL E 51 -5.58 -12.32 -17.32
CA VAL E 51 -5.29 -12.42 -15.90
C VAL E 51 -4.10 -11.52 -15.60
N TRP E 52 -4.36 -10.40 -14.92
CA TRP E 52 -3.28 -9.45 -14.57
C TRP E 52 -2.90 -9.60 -13.10
N ALA E 53 -1.68 -10.05 -12.81
CA ALA E 53 -1.25 -10.21 -11.43
C ALA E 53 -0.08 -9.27 -11.12
N ALA E 54 -0.35 -8.24 -10.32
CA ALA E 54 0.67 -7.25 -9.98
C ALA E 54 0.67 -6.94 -8.50
N GLU E 55 1.67 -6.20 -8.02
CA GLU E 55 1.71 -5.79 -6.63
C GLU E 55 1.41 -4.31 -6.55
N LYS E 56 1.42 -3.63 -7.69
CA LYS E 56 1.14 -2.20 -7.70
C LYS E 56 1.13 -1.55 -9.06
N ILE E 57 -0.03 -1.22 -9.58
CA ILE E 57 -0.10 -0.45 -10.82
C ILE E 57 -0.17 1.03 -10.49
N SER E 58 0.67 1.82 -11.17
CA SER E 58 0.79 3.28 -10.88
C SER E 58 0.66 4.12 -12.16
N ASP E 59 -0.12 5.21 -12.10
CA ASP E 59 -0.25 6.15 -13.25
C ASP E 59 -0.56 5.38 -14.53
N ALA E 60 -1.42 4.36 -14.44
CA ALA E 60 -1.83 3.62 -15.67
C ALA E 60 -2.77 4.51 -16.47
N ARG E 61 -2.27 5.09 -17.58
CA ARG E 61 -3.11 5.96 -18.43
C ARG E 61 -3.68 5.30 -19.69
N GLU E 62 -5.01 5.25 -19.80
CA GLU E 62 -5.68 4.63 -20.97
C GLU E 62 -5.17 3.18 -21.03
N SER E 63 -5.04 2.53 -19.88
CA SER E 63 -4.47 1.19 -19.91
C SER E 63 -5.47 0.18 -19.37
N PHE E 64 -5.08 -1.09 -19.42
CA PHE E 64 -5.83 -2.24 -18.87
C PHE E 64 -7.23 -2.30 -19.45
N GLN E 65 -7.26 -2.51 -20.76
CA GLN E 65 -8.51 -2.48 -21.50
C GLN E 65 -8.68 -3.78 -22.26
N GLU E 66 -9.82 -4.42 -22.08
CA GLU E 66 -10.10 -5.62 -22.85
C GLU E 66 -11.43 -5.47 -23.54
N PHE E 67 -11.44 -5.76 -24.85
CA PHE E 67 -12.63 -5.61 -25.67
C PHE E 67 -13.07 -6.99 -26.12
N PHE E 68 -14.35 -7.27 -26.05
CA PHE E 68 -14.92 -8.52 -26.50
C PHE E 68 -15.92 -8.23 -27.60
N GLY E 69 -15.76 -8.86 -28.76
CA GLY E 69 -16.72 -8.71 -29.82
C GLY E 69 -17.30 -10.03 -30.27
N GLY F 1 -1.39 7.75 -4.24
CA GLY F 1 -0.61 8.96 -4.06
C GLY F 1 -0.07 9.07 -2.65
N PHE F 2 1.25 9.23 -2.53
CA PHE F 2 1.93 9.32 -1.26
C PHE F 2 2.75 10.60 -1.23
N PHE F 3 2.58 11.41 -0.19
CA PHE F 3 3.31 12.66 -0.05
C PHE F 3 3.76 12.80 1.39
N SER F 4 5.06 12.85 1.61
CA SER F 4 5.59 12.90 2.96
C SER F 4 6.69 13.94 3.03
N PHE F 5 6.40 15.05 3.71
CA PHE F 5 7.38 16.12 3.87
C PHE F 5 7.83 16.14 5.31
N ILE F 6 9.13 16.13 5.55
CA ILE F 6 9.68 16.18 6.91
C ILE F 6 10.84 17.16 7.01
N GLY F 7 10.71 18.19 7.84
CA GLY F 7 11.76 19.22 7.90
C GLY F 7 12.37 19.33 9.28
N GLU F 8 13.69 19.43 9.38
CA GLU F 8 14.29 19.50 10.74
C GLU F 8 15.48 20.47 10.78
N ALA F 9 15.69 21.15 11.91
CA ALA F 9 16.87 22.01 12.09
C ALA F 9 17.04 23.07 11.01
N PHE F 10 15.95 23.55 10.39
CA PHE F 10 16.14 24.50 9.26
C PHE F 10 15.61 25.90 9.59
N GLN F 11 16.18 26.93 8.97
CA GLN F 11 15.67 28.31 9.13
C GLN F 11 15.19 28.77 7.75
N GLY F 12 14.04 29.44 7.67
CA GLY F 12 13.53 29.76 6.36
C GLY F 12 12.94 31.16 6.34
N ALA F 13 12.61 31.61 5.14
CA ALA F 13 11.94 32.90 4.98
C ALA F 13 10.59 32.78 4.30
N GLY F 14 10.37 31.77 3.48
CA GLY F 14 9.07 31.63 2.86
C GLY F 14 8.92 30.55 1.82
N ASP F 15 7.67 30.16 1.56
CA ASP F 15 7.27 29.32 0.42
C ASP F 15 7.97 27.96 0.42
N MET F 16 7.83 27.24 1.52
CA MET F 16 8.48 25.95 1.67
C MET F 16 7.46 24.86 1.97
N TRP F 17 7.86 23.64 1.64
CA TRP F 17 7.18 22.39 2.02
C TRP F 17 5.76 22.29 1.48
N ARG F 18 5.61 22.67 0.20
CA ARG F 18 4.24 22.74 -0.38
C ARG F 18 3.98 21.58 -1.36
N ALA F 19 2.76 21.06 -1.35
CA ALA F 19 2.34 19.98 -2.24
C ALA F 19 1.08 20.42 -2.97
N TYR F 20 1.15 20.55 -4.29
CA TYR F 20 -0.07 20.84 -5.09
C TYR F 20 -0.29 19.57 -5.93
N THR F 21 -1.44 18.90 -5.82
CA THR F 21 -1.57 17.57 -6.48
C THR F 21 -2.71 17.47 -7.48
N ASP F 22 -3.65 18.40 -7.53
CA ASP F 22 -4.72 18.37 -8.57
C ASP F 22 -5.17 19.82 -8.77
N MET F 23 -5.02 20.36 -9.98
CA MET F 23 -5.27 21.82 -10.12
C MET F 23 -5.53 22.15 -11.60
N LYS F 24 -6.80 22.29 -11.99
CA LYS F 24 -7.12 22.56 -13.41
C LYS F 24 -7.56 24.01 -13.55
N GLU F 25 -7.08 24.71 -14.59
CA GLU F 25 -7.39 26.15 -14.73
C GLU F 25 -7.05 26.86 -13.42
N ALA F 26 -5.77 26.84 -13.02
CA ALA F 26 -5.33 27.48 -11.77
C ALA F 26 -4.32 28.59 -12.08
N GLY F 27 -4.17 29.56 -11.18
CA GLY F 27 -3.22 30.64 -11.43
C GLY F 27 -2.76 31.19 -10.10
N TRP F 28 -1.47 31.49 -10.00
CA TRP F 28 -1.04 32.09 -8.72
C TRP F 28 0.23 32.92 -8.85
N LYS F 29 0.43 33.82 -7.90
CA LYS F 29 1.58 34.69 -7.84
C LYS F 29 2.18 34.68 -6.45
N ASP F 30 3.51 34.58 -6.37
CA ASP F 30 4.22 34.72 -5.12
C ASP F 30 5.17 35.90 -5.18
N GLY F 31 5.54 36.41 -4.01
CA GLY F 31 6.32 37.63 -3.90
C GLY F 31 7.77 37.37 -3.58
N ASP F 32 8.48 38.47 -3.30
CA ASP F 32 9.90 38.42 -3.01
C ASP F 32 10.15 37.82 -1.64
N LYS F 33 11.30 37.17 -1.48
CA LYS F 33 11.63 36.50 -0.24
C LYS F 33 13.05 36.80 0.17
N TYR F 34 13.20 37.42 1.34
CA TYR F 34 14.48 37.94 1.80
C TYR F 34 14.93 37.19 3.04
N PHE F 35 16.18 36.76 3.05
CA PHE F 35 16.82 36.22 4.24
C PHE F 35 17.98 37.14 4.57
N HIS F 36 17.97 37.71 5.78
CA HIS F 36 19.01 38.64 6.20
C HIS F 36 19.49 38.20 7.57
N ALA F 37 20.77 37.84 7.67
CA ALA F 37 21.31 37.32 8.91
C ALA F 37 22.62 38.00 9.24
N ARG F 38 22.74 38.49 10.47
CA ARG F 38 24.00 39.09 10.91
C ARG F 38 24.33 38.66 12.32
N GLY F 39 25.57 38.25 12.54
CA GLY F 39 26.09 38.07 13.88
C GLY F 39 25.51 36.93 14.67
N ASN F 40 24.88 35.97 14.02
CA ASN F 40 24.22 34.89 14.73
C ASN F 40 25.25 33.92 15.31
N TYR F 41 24.75 33.00 16.12
CA TYR F 41 25.59 31.99 16.75
C TYR F 41 24.78 30.70 16.84
N ASP F 42 25.30 29.62 16.25
CA ASP F 42 24.76 28.26 16.33
C ASP F 42 23.34 28.17 15.79
N ALA F 43 23.15 28.64 14.57
CA ALA F 43 21.85 28.52 13.92
C ALA F 43 21.83 27.31 13.00
N ALA F 44 20.66 26.69 12.85
CA ALA F 44 20.49 25.55 11.90
C ALA F 44 21.38 24.36 12.26
N GLN F 45 21.26 23.85 13.49
CA GLN F 45 22.13 22.71 13.93
C GLN F 45 21.31 21.41 14.08
N ARG F 46 21.92 20.26 13.74
CA ARG F 46 21.27 18.97 13.85
C ARG F 46 22.25 17.95 14.41
N GLY F 47 21.77 17.06 15.28
CA GLY F 47 22.58 15.99 15.80
C GLY F 47 22.69 14.84 14.82
N PRO F 48 23.15 13.68 15.29
CA PRO F 48 23.30 12.53 14.40
C PRO F 48 21.98 11.95 13.94
N GLY F 49 22.02 10.97 13.06
CA GLY F 49 20.81 10.26 12.67
C GLY F 49 20.83 9.84 11.22
N GLY F 50 20.19 8.70 10.95
CA GLY F 50 20.10 8.17 9.61
C GLY F 50 18.76 8.51 8.96
N VAL F 51 18.76 8.53 7.63
CA VAL F 51 17.57 8.88 6.86
C VAL F 51 17.26 7.74 5.92
N TRP F 52 16.19 7.00 6.22
CA TRP F 52 15.78 5.85 5.37
C TRP F 52 14.59 6.23 4.50
N ALA F 53 14.77 6.28 3.18
CA ALA F 53 13.68 6.64 2.29
C ALA F 53 13.34 5.46 1.37
N ALA F 54 12.19 4.83 1.62
CA ALA F 54 11.77 3.67 0.83
C ALA F 54 10.31 3.78 0.42
N GLU F 55 9.85 2.89 -0.45
CA GLU F 55 8.46 2.87 -0.84
C GLU F 55 7.79 1.67 -0.21
N LYS F 56 8.59 0.75 0.33
CA LYS F 56 8.02 -0.43 0.96
C LYS F 56 9.02 -1.37 1.60
N ILE F 57 9.10 -1.39 2.91
CA ILE F 57 9.94 -2.38 3.59
C ILE F 57 9.10 -3.60 3.93
N SER F 58 9.63 -4.78 3.60
CA SER F 58 8.88 -6.06 3.78
C SER F 58 9.71 -7.11 4.54
N ASP F 59 9.08 -7.78 5.51
CA ASP F 59 9.76 -8.89 6.25
C ASP F 59 11.12 -8.41 6.76
N ALA F 60 11.21 -7.17 7.25
CA ALA F 60 12.48 -6.69 7.83
C ALA F 60 12.68 -7.37 9.18
N ARG F 61 13.59 -8.34 9.25
CA ARG F 61 13.86 -9.06 10.53
C ARG F 61 15.11 -8.59 11.30
N GLU F 62 14.91 -8.10 12.52
CA GLU F 62 16.04 -7.61 13.36
C GLU F 62 16.72 -6.50 12.54
N SER F 63 15.94 -5.67 11.86
CA SER F 63 16.57 -4.67 11.01
C SER F 63 16.22 -3.27 11.47
N PHE F 64 16.80 -2.28 10.80
CA PHE F 64 16.53 -0.84 11.00
C PHE F 64 16.76 -0.44 12.45
N GLN F 65 18.01 -0.58 12.86
CA GLN F 65 18.38 -0.36 14.25
C GLN F 65 19.49 0.67 14.31
N GLU F 66 19.29 1.70 15.12
CA GLU F 66 20.35 2.67 15.32
C GLU F 66 20.61 2.83 16.80
N PHE F 67 21.89 2.75 17.16
CA PHE F 67 22.31 2.83 18.55
C PHE F 67 23.11 4.10 18.74
N PHE F 68 22.84 4.83 19.81
CA PHE F 68 23.56 6.04 20.15
C PHE F 68 24.22 5.85 21.50
N GLY F 69 25.53 6.04 21.57
CA GLY F 69 26.22 5.98 22.83
C GLY F 69 26.96 7.25 23.17
N GLY G 1 -3.12 -6.58 7.33
CA GLY G 1 -3.55 -7.88 6.86
C GLY G 1 -4.73 -7.78 5.92
N PHE G 2 -4.58 -8.33 4.73
CA PHE G 2 -5.61 -8.29 3.69
C PHE G 2 -5.91 -9.73 3.26
N PHE G 3 -7.18 -10.09 3.25
CA PHE G 3 -7.60 -11.43 2.85
C PHE G 3 -8.84 -11.30 2.00
N SER G 4 -8.76 -11.73 0.76
CA SER G 4 -9.87 -11.58 -0.18
C SER G 4 -10.06 -12.88 -0.94
N PHE G 5 -11.15 -13.59 -0.64
CA PHE G 5 -11.47 -14.84 -1.32
C PHE G 5 -12.66 -14.60 -2.21
N ILE G 6 -12.56 -14.98 -3.48
CA ILE G 6 -13.68 -14.84 -4.41
C ILE G 6 -13.86 -16.08 -5.27
N GLY G 7 -15.02 -16.73 -5.17
CA GLY G 7 -15.20 -18.00 -5.91
C GLY G 7 -16.35 -17.92 -6.88
N GLU G 8 -16.17 -18.44 -8.10
CA GLU G 8 -17.28 -18.33 -9.09
C GLU G 8 -17.39 -19.59 -9.94
N ALA G 9 -18.61 -19.95 -10.34
CA ALA G 9 -18.82 -21.08 -11.28
C ALA G 9 -18.19 -22.40 -10.82
N PHE G 10 -18.07 -22.63 -9.50
CA PHE G 10 -17.35 -23.86 -9.06
C PHE G 10 -18.29 -24.84 -8.35
N GLN G 11 -17.97 -26.13 -8.41
CA GLN G 11 -18.75 -27.15 -7.65
C GLN G 11 -17.78 -27.78 -6.65
N GLY G 12 -18.22 -28.02 -5.41
CA GLY G 12 -17.28 -28.50 -4.43
C GLY G 12 -17.91 -29.56 -3.56
N ALA G 13 -17.07 -30.18 -2.74
CA ALA G 13 -17.56 -31.14 -1.76
C ALA G 13 -17.21 -30.77 -0.34
N GLY G 14 -16.15 -30.00 -0.11
CA GLY G 14 -15.85 -29.62 1.25
C GLY G 14 -14.54 -28.88 1.47
N ASP G 15 -14.46 -28.18 2.60
CA ASP G 15 -13.22 -27.61 3.14
C ASP G 15 -12.56 -26.62 2.17
N MET G 16 -13.32 -25.63 1.76
CA MET G 16 -12.83 -24.66 0.80
C MET G 16 -12.93 -23.25 1.37
N TRP G 17 -12.09 -22.37 0.82
CA TRP G 17 -12.14 -20.90 1.00
C TRP G 17 -11.94 -20.50 2.46
N ARG G 18 -10.97 -21.14 3.11
CA ARG G 18 -10.78 -20.89 4.57
C ARG G 18 -9.54 -20.03 4.84
N ALA G 19 -9.64 -19.14 5.83
CA ALA G 19 -8.54 -18.28 6.25
C ALA G 19 -8.34 -18.44 7.75
N TYR G 20 -7.18 -18.95 8.15
CA TYR G 20 -6.85 -19.01 9.60
C TYR G 20 -5.68 -18.04 9.77
N THR G 21 -5.80 -17.01 10.62
CA THR G 21 -4.75 -15.96 10.64
C THR G 21 -4.07 -15.75 11.98
N ASP G 22 -4.59 -16.28 13.09
CA ASP G 22 -3.88 -16.19 14.40
C ASP G 22 -4.34 -17.38 15.23
N MET G 23 -3.41 -18.26 15.63
CA MET G 23 -3.88 -19.52 16.26
C MET G 23 -2.73 -20.14 17.07
N LYS G 24 -2.73 -19.94 18.39
CA LYS G 24 -1.62 -20.46 19.22
C LYS G 24 -2.12 -21.66 20.02
N GLU G 25 -1.34 -22.73 20.09
CA GLU G 25 -1.81 -23.96 20.78
C GLU G 25 -3.18 -24.35 20.20
N ALA G 26 -3.23 -24.66 18.90
CA ALA G 26 -4.49 -25.04 18.23
C ALA G 26 -4.38 -26.47 17.69
N GLY G 27 -5.52 -27.15 17.49
CA GLY G 27 -5.47 -28.50 16.97
C GLY G 27 -6.76 -28.79 16.25
N TRP G 28 -6.66 -29.47 15.11
CA TRP G 28 -7.94 -29.80 14.44
C TRP G 28 -7.82 -31.01 13.53
N LYS G 29 -8.97 -31.62 13.25
CA LYS G 29 -9.07 -32.79 12.39
C LYS G 29 -10.18 -32.58 11.37
N ASP G 30 -9.90 -32.94 10.12
CA ASP G 30 -10.92 -32.95 9.08
C ASP G 30 -11.07 -34.36 8.52
N GLY G 31 -12.23 -34.62 7.92
CA GLY G 31 -12.60 -35.93 7.47
C GLY G 31 -12.46 -36.13 5.97
N ASP G 32 -12.95 -37.27 5.50
CA ASP G 32 -12.86 -37.63 4.10
C ASP G 32 -13.82 -36.80 3.27
N LYS G 33 -13.44 -36.57 2.01
CA LYS G 33 -14.24 -35.72 1.14
C LYS G 33 -14.40 -36.37 -0.22
N TYR G 34 -15.65 -36.66 -0.59
CA TYR G 34 -15.94 -37.43 -1.79
C TYR G 34 -16.69 -36.56 -2.79
N PHE G 35 -16.26 -36.60 -4.05
CA PHE G 35 -16.98 -36.00 -5.16
C PHE G 35 -17.35 -37.14 -6.10
N HIS G 36 -18.64 -37.31 -6.35
CA HIS G 36 -19.12 -38.37 -7.22
C HIS G 36 -20.08 -37.77 -8.22
N ALA G 37 -19.74 -37.86 -9.50
CA ALA G 37 -20.54 -37.23 -10.53
C ALA G 37 -20.78 -38.20 -11.67
N ARG G 38 -22.05 -38.34 -12.07
CA ARG G 38 -22.37 -39.19 -13.21
C ARG G 38 -23.41 -38.52 -14.10
N GLY G 39 -23.16 -38.50 -15.39
CA GLY G 39 -24.18 -38.16 -16.36
C GLY G 39 -24.62 -36.72 -16.38
N ASN G 40 -23.82 -35.82 -15.82
CA ASN G 40 -24.21 -34.42 -15.72
C ASN G 40 -24.14 -33.74 -17.08
N TYR G 41 -24.66 -32.52 -17.13
CA TYR G 41 -24.65 -31.72 -18.34
C TYR G 41 -24.45 -30.27 -17.94
N ASP G 42 -23.40 -29.64 -18.49
CA ASP G 42 -23.11 -28.22 -18.36
C ASP G 42 -22.91 -27.79 -16.90
N ALA G 43 -22.03 -28.49 -16.19
CA ALA G 43 -21.70 -28.12 -14.83
C ALA G 43 -20.43 -27.28 -14.81
N ALA G 44 -20.34 -26.36 -13.84
CA ALA G 44 -19.10 -25.55 -13.64
C ALA G 44 -18.79 -24.68 -14.87
N GLN G 45 -19.74 -23.85 -15.30
CA GLN G 45 -19.52 -23.00 -16.51
C GLN G 45 -19.36 -21.51 -16.13
N ARG G 46 -18.50 -20.78 -16.85
CA ARG G 46 -18.27 -19.36 -16.61
C ARG G 46 -18.17 -18.63 -17.94
N GLY G 47 -18.74 -17.43 -18.00
CA GLY G 47 -18.62 -16.60 -19.18
C GLY G 47 -17.30 -15.88 -19.23
N PRO G 48 -17.19 -14.86 -20.09
CA PRO G 48 -15.93 -14.12 -20.21
C PRO G 48 -15.61 -13.28 -18.99
N GLY G 49 -14.45 -12.65 -18.98
CA GLY G 49 -14.12 -11.72 -17.92
C GLY G 49 -12.65 -11.75 -17.56
N GLY G 50 -12.14 -10.60 -17.16
CA GLY G 50 -10.75 -10.45 -16.75
C GLY G 50 -10.60 -10.47 -15.24
N VAL G 51 -9.41 -10.86 -14.79
CA VAL G 51 -9.13 -10.98 -13.36
C VAL G 51 -7.93 -10.12 -13.04
N TRP G 52 -8.18 -9.00 -12.34
CA TRP G 52 -7.09 -8.07 -11.98
C TRP G 52 -6.73 -8.25 -10.51
N ALA G 53 -5.51 -8.72 -10.22
CA ALA G 53 -5.09 -8.91 -8.84
C ALA G 53 -3.91 -8.01 -8.50
N ALA G 54 -4.18 -6.97 -7.70
CA ALA G 54 -3.14 -6.01 -7.32
C ALA G 54 -3.14 -5.73 -5.84
N GLU G 55 -2.14 -5.00 -5.35
CA GLU G 55 -2.10 -4.62 -3.95
C GLU G 55 -2.39 -3.13 -3.85
N LYS G 56 -2.35 -2.43 -4.98
CA LYS G 56 -2.61 -1.00 -4.96
C LYS G 56 -2.61 -0.32 -6.31
N ILE G 57 -3.76 0.04 -6.83
CA ILE G 57 -3.82 0.82 -8.06
C ILE G 57 -3.87 2.30 -7.70
N SER G 58 -3.02 3.09 -8.36
CA SER G 58 -2.89 4.53 -8.05
C SER G 58 -2.99 5.41 -9.32
N ASP G 59 -3.76 6.50 -9.23
CA ASP G 59 -3.87 7.46 -10.36
C ASP G 59 -4.19 6.72 -11.67
N ALA G 60 -5.06 5.70 -11.60
CA ALA G 60 -5.47 5.00 -12.84
C ALA G 60 -6.40 5.92 -13.64
N ARG G 61 -5.88 6.51 -14.73
CA ARG G 61 -6.71 7.40 -15.57
C ARG G 61 -7.28 6.76 -16.85
N GLU G 62 -8.61 6.73 -16.96
CA GLU G 62 -9.29 6.15 -18.15
C GLU G 62 -8.79 4.70 -18.23
N SER G 63 -8.67 4.02 -17.08
CA SER G 63 -8.12 2.67 -17.13
C SER G 63 -9.13 1.67 -16.62
N PHE G 64 -8.76 0.39 -16.69
CA PHE G 64 -9.53 -0.75 -16.16
C PHE G 64 -10.93 -0.79 -16.76
N GLN G 65 -10.96 -0.97 -18.07
CA GLN G 65 -12.20 -0.92 -18.81
C GLN G 65 -12.38 -2.20 -19.59
N GLU G 66 -13.53 -2.83 -19.43
CA GLU G 66 -13.82 -4.00 -20.22
C GLU G 66 -15.15 -3.82 -20.93
N PHE G 67 -15.15 -4.10 -22.23
CA PHE G 67 -16.34 -3.93 -23.05
C PHE G 67 -16.79 -5.29 -23.53
N PHE G 68 -18.08 -5.54 -23.47
CA PHE G 68 -18.66 -6.79 -23.94
C PHE G 68 -19.65 -6.47 -25.04
N GLY G 69 -19.48 -7.07 -26.20
CA GLY G 69 -20.44 -6.90 -27.28
C GLY G 69 -21.04 -8.20 -27.76
N GLY H 1 -5.04 8.92 -1.34
CA GLY H 1 -4.24 10.12 -1.13
C GLY H 1 -3.71 10.20 0.28
N PHE H 2 -2.39 10.34 0.40
CA PHE H 2 -1.71 10.40 1.69
C PHE H 2 -0.87 11.68 1.73
N PHE H 3 -1.03 12.46 2.79
CA PHE H 3 -0.30 13.71 2.95
C PHE H 3 0.14 13.81 4.40
N SER H 4 1.44 13.84 4.63
CA SER H 4 1.97 13.85 5.99
C SER H 4 3.08 14.88 6.07
N PHE H 5 2.81 15.99 6.77
CA PHE H 5 3.79 17.05 6.97
C PHE H 5 4.24 17.02 8.40
N ILE H 6 5.54 16.99 8.64
CA ILE H 6 6.08 17.02 10.00
C ILE H 6 7.25 17.98 10.13
N GLY H 7 7.13 19.00 10.97
CA GLY H 7 8.20 20.01 11.05
C GLY H 7 8.79 20.09 12.44
N GLU H 8 10.12 20.18 12.55
CA GLU H 8 10.71 20.22 13.91
C GLU H 8 11.91 21.17 13.97
N ALA H 9 12.12 21.82 15.11
CA ALA H 9 13.32 22.67 15.32
C ALA H 9 13.51 23.74 14.26
N PHE H 10 12.43 24.25 13.65
CA PHE H 10 12.64 25.21 12.53
C PHE H 10 12.12 26.61 12.88
N GLN H 11 12.70 27.65 12.28
CA GLN H 11 12.20 29.03 12.47
C GLN H 11 11.74 29.52 11.09
N GLY H 12 10.60 30.21 11.01
CA GLY H 12 10.10 30.56 9.71
C GLY H 12 9.54 31.97 9.71
N ALA H 13 9.22 32.44 8.52
CA ALA H 13 8.56 33.74 8.38
C ALA H 13 7.22 33.65 7.68
N GLY H 14 6.98 32.64 6.85
CA GLY H 14 5.69 32.54 6.22
C GLY H 14 5.53 31.48 5.16
N ASP H 15 4.28 31.11 4.89
CA ASP H 15 3.87 30.30 3.73
C ASP H 15 4.55 28.93 3.72
N MET H 16 4.40 28.19 4.80
CA MET H 16 5.03 26.90 4.93
C MET H 16 4.00 25.82 5.20
N TRP H 17 4.38 24.59 4.85
CA TRP H 17 3.69 23.33 5.21
C TRP H 17 2.27 23.28 4.66
N ARG H 18 2.13 23.68 3.39
CA ARG H 18 0.76 23.77 2.80
C ARG H 18 0.50 22.63 1.81
N ALA H 19 -0.74 22.12 1.80
CA ALA H 19 -1.17 21.07 0.88
C ALA H 19 -2.42 21.54 0.16
N TYR H 20 -2.34 21.69 -1.16
CA TYR H 20 -3.55 22.00 -1.96
C TYR H 20 -3.78 20.76 -2.82
N THR H 21 -4.94 20.10 -2.72
CA THR H 21 -5.08 18.79 -3.41
C THR H 21 -6.22 18.71 -4.42
N ASP H 22 -7.15 19.66 -4.45
CA ASP H 22 -8.21 19.67 -5.51
C ASP H 22 -8.64 21.12 -5.68
N MET H 23 -8.48 21.68 -6.89
CA MET H 23 -8.71 23.15 -7.00
C MET H 23 -8.96 23.50 -8.48
N LYS H 24 -10.23 23.66 -8.87
CA LYS H 24 -10.54 23.95 -10.29
C LYS H 24 -10.96 25.42 -10.41
N GLU H 25 -10.45 26.13 -11.42
CA GLU H 25 -10.75 27.57 -11.54
C GLU H 25 -10.41 28.26 -10.21
N ALA H 26 -9.13 28.21 -9.81
CA ALA H 26 -8.68 28.83 -8.55
C ALA H 26 -7.66 29.93 -8.83
N GLY H 27 -7.50 30.90 -7.92
CA GLY H 27 -6.54 31.95 -8.14
C GLY H 27 -6.08 32.49 -6.80
N TRP H 28 -4.79 32.76 -6.69
CA TRP H 28 -4.36 33.33 -5.40
C TRP H 28 -3.08 34.15 -5.52
N LYS H 29 -2.88 35.02 -4.54
CA LYS H 29 -1.71 35.88 -4.47
C LYS H 29 -1.11 35.83 -3.06
N ASP H 30 0.21 35.73 -2.99
CA ASP H 30 0.91 35.83 -1.73
C ASP H 30 1.89 37.00 -1.77
N GLY H 31 2.26 37.48 -0.58
CA GLY H 31 3.05 38.68 -0.45
C GLY H 31 4.50 38.42 -0.12
N ASP H 32 5.22 39.50 0.18
CA ASP H 32 6.63 39.42 0.47
C ASP H 32 6.88 38.79 1.84
N LYS H 33 8.02 38.13 1.97
CA LYS H 33 8.32 37.42 3.21
C LYS H 33 9.75 37.71 3.64
N TYR H 34 9.90 38.31 4.82
CA TYR H 34 11.19 38.80 5.28
C TYR H 34 11.61 38.02 6.52
N PHE H 35 12.86 37.57 6.54
CA PHE H 35 13.49 37.00 7.72
C PHE H 35 14.66 37.91 8.07
N HIS H 36 14.65 38.46 9.28
CA HIS H 36 15.70 39.36 9.74
C HIS H 36 16.17 38.90 11.09
N ALA H 37 17.44 38.52 11.19
CA ALA H 37 17.96 37.97 12.43
C ALA H 37 19.29 38.63 12.77
N ARG H 38 19.40 39.10 14.01
CA ARG H 38 20.67 39.68 14.46
C ARG H 38 20.99 39.21 15.88
N GLY H 39 22.21 38.77 16.09
CA GLY H 39 22.73 38.57 17.43
C GLY H 39 22.13 37.43 18.20
N ASN H 40 21.49 36.49 17.53
CA ASN H 40 20.82 35.40 18.21
C ASN H 40 21.83 34.41 18.78
N TYR H 41 21.32 33.48 19.58
CA TYR H 41 22.14 32.44 20.19
C TYR H 41 21.31 31.17 20.26
N ASP H 42 21.83 30.09 19.65
CA ASP H 42 21.26 28.75 19.71
C ASP H 42 19.84 28.67 19.16
N ALA H 43 19.65 29.17 17.94
CA ALA H 43 18.37 29.08 17.29
C ALA H 43 18.34 27.89 16.35
N ALA H 44 17.16 27.28 16.17
CA ALA H 44 16.99 26.17 15.21
C ALA H 44 17.86 24.95 15.55
N GLN H 45 17.72 24.43 16.78
CA GLN H 45 18.57 23.27 17.20
C GLN H 45 17.74 21.98 17.32
N ARG H 46 18.33 20.82 16.97
CA ARG H 46 17.67 19.54 17.05
C ARG H 46 18.63 18.50 17.60
N GLY H 47 18.13 17.61 18.44
CA GLY H 47 18.94 16.52 18.95
C GLY H 47 19.03 15.38 17.95
N PRO H 48 19.47 14.20 18.40
CA PRO H 48 19.61 13.06 17.50
C PRO H 48 18.29 12.51 17.02
N GLY H 49 18.32 11.54 16.13
CA GLY H 49 17.11 10.86 15.72
C GLY H 49 17.13 10.46 14.26
N GLY H 50 16.48 9.35 13.96
CA GLY H 50 16.38 8.83 12.61
C GLY H 50 15.06 9.18 11.97
N VAL H 51 15.06 9.24 10.63
CA VAL H 51 13.88 9.62 9.87
C VAL H 51 13.56 8.50 8.90
N TRP H 52 12.47 7.77 9.18
CA TRP H 52 12.06 6.64 8.32
C TRP H 52 10.88 7.06 7.45
N ALA H 53 11.07 7.12 6.13
CA ALA H 53 9.98 7.50 5.24
C ALA H 53 9.63 6.36 4.29
N ALA H 54 8.47 5.73 4.54
CA ALA H 54 8.03 4.60 3.73
C ALA H 54 6.59 4.73 3.31
N GLU H 55 6.12 3.85 2.42
CA GLU H 55 4.73 3.86 2.02
C GLU H 55 4.05 2.65 2.63
N LYS H 56 4.82 1.72 3.16
CA LYS H 56 4.24 0.53 3.76
C LYS H 56 5.22 -0.43 4.38
N ILE H 57 5.30 -0.48 5.70
CA ILE H 57 6.12 -1.48 6.36
C ILE H 57 5.27 -2.70 6.68
N SER H 58 5.78 -3.88 6.33
CA SER H 58 5.02 -5.14 6.48
C SER H 58 5.83 -6.23 7.23
N ASP H 59 5.19 -6.91 8.18
CA ASP H 59 5.84 -8.03 8.91
C ASP H 59 7.22 -7.59 9.44
N ALA H 60 7.31 -6.35 9.94
CA ALA H 60 8.59 -5.89 10.55
C ALA H 60 8.78 -6.60 11.89
N ARG H 61 9.67 -7.60 11.94
CA ARG H 61 9.92 -8.32 13.21
C ARG H 61 11.17 -7.88 13.99
N GLU H 62 10.98 -7.41 15.22
CA GLU H 62 12.11 -6.96 16.08
C GLU H 62 12.81 -5.85 15.28
N SER H 63 12.04 -4.99 14.61
CA SER H 63 12.68 -3.98 13.77
C SER H 63 12.35 -2.59 14.26
N PHE H 64 12.95 -1.60 13.61
CA PHE H 64 12.69 -0.16 13.83
C PHE H 64 12.92 0.22 15.30
N GLN H 65 14.17 0.05 15.71
CA GLN H 65 14.53 0.24 17.10
C GLN H 65 15.66 1.26 17.18
N GLU H 66 15.46 2.28 18.01
CA GLU H 66 16.53 3.22 18.23
C GLU H 66 16.80 3.35 19.72
N PHE H 67 18.07 3.26 20.08
CA PHE H 67 18.48 3.31 21.47
C PHE H 67 19.29 4.57 21.69
N PHE H 68 19.03 5.27 22.77
CA PHE H 68 19.77 6.47 23.13
C PHE H 68 20.42 6.25 24.48
N GLY H 69 21.72 6.43 24.56
CA GLY H 69 22.42 6.33 25.83
C GLY H 69 23.17 7.59 26.19
N GLY I 1 -7.00 -5.58 9.98
CA GLY I 1 -7.45 -6.86 9.47
C GLY I 1 -8.62 -6.73 8.53
N PHE I 2 -8.48 -7.27 7.32
CA PHE I 2 -9.50 -7.21 6.29
C PHE I 2 -9.82 -8.62 5.83
N PHE I 3 -11.10 -8.97 5.82
CA PHE I 3 -11.52 -10.29 5.39
C PHE I 3 -12.76 -10.14 4.53
N SER I 4 -12.67 -10.54 3.27
CA SER I 4 -13.78 -10.37 2.35
C SER I 4 -13.99 -11.65 1.55
N PHE I 5 -15.08 -12.35 1.84
CA PHE I 5 -15.42 -13.58 1.14
C PHE I 5 -16.60 -13.32 0.24
N ILE I 6 -16.50 -13.67 -1.03
CA ILE I 6 -17.61 -13.50 -1.96
C ILE I 6 -17.80 -14.72 -2.84
N GLY I 7 -18.97 -15.37 -2.76
CA GLY I 7 -19.16 -16.61 -3.52
C GLY I 7 -20.30 -16.51 -4.50
N GLU I 8 -20.13 -16.99 -5.73
CA GLU I 8 -21.23 -16.87 -6.72
C GLU I 8 -21.36 -18.11 -7.60
N ALA I 9 -22.58 -18.46 -8.01
CA ALA I 9 -22.80 -19.56 -8.96
C ALA I 9 -22.19 -20.89 -8.52
N PHE I 10 -22.08 -21.14 -7.21
CA PHE I 10 -21.37 -22.39 -6.79
C PHE I 10 -22.33 -23.36 -6.09
N GLN I 11 -22.02 -24.67 -6.18
CA GLN I 11 -22.82 -25.69 -5.44
C GLN I 11 -21.86 -26.35 -4.45
N GLY I 12 -22.31 -26.60 -3.21
CA GLY I 12 -21.39 -27.12 -2.24
C GLY I 12 -22.04 -28.18 -1.39
N ALA I 13 -21.21 -28.83 -0.58
CA ALA I 13 -21.71 -29.80 0.38
C ALA I 13 -21.37 -29.46 1.82
N GLY I 14 -20.30 -28.71 2.07
CA GLY I 14 -19.99 -28.34 3.43
C GLY I 14 -18.68 -27.63 3.67
N ASP I 15 -18.59 -26.95 4.81
CA ASP I 15 -17.35 -26.40 5.37
C ASP I 15 -16.67 -25.41 4.43
N MET I 16 -17.42 -24.39 4.02
CA MET I 16 -16.90 -23.41 3.09
C MET I 16 -17.00 -22.02 3.67
N TRP I 17 -16.14 -21.14 3.15
CA TRP I 17 -16.17 -19.68 3.35
C TRP I 17 -15.98 -19.30 4.81
N ARG I 18 -15.02 -19.95 5.46
CA ARG I 18 -14.83 -19.74 6.93
C ARG I 18 -13.58 -18.90 7.22
N ALA I 19 -13.68 -18.03 8.22
CA ALA I 19 -12.57 -17.19 8.66
C ALA I 19 -12.38 -17.38 10.16
N TYR I 20 -11.23 -17.91 10.56
CA TYR I 20 -10.90 -18.00 12.01
C TYR I 20 -9.72 -17.04 12.20
N THR I 21 -9.84 -16.03 13.07
CA THR I 21 -8.77 -15.00 13.11
C THR I 21 -8.09 -14.82 14.47
N ASP I 22 -8.63 -15.36 15.54
CA ASP I 22 -7.92 -15.29 16.87
C ASP I 22 -8.40 -16.50 17.68
N MET I 23 -7.49 -17.40 18.06
CA MET I 23 -7.98 -18.67 18.67
C MET I 23 -6.84 -19.31 19.47
N LYS I 24 -6.84 -19.13 20.80
CA LYS I 24 -5.74 -19.68 21.63
C LYS I 24 -6.27 -20.89 22.40
N GLU I 25 -5.49 -21.98 22.46
CA GLU I 25 -5.99 -23.21 23.12
C GLU I 25 -7.36 -23.57 22.53
N ALA I 26 -7.40 -23.85 21.23
CA ALA I 26 -8.67 -24.21 20.54
C ALA I 26 -8.57 -25.62 19.98
N GLY I 27 -9.71 -26.29 19.76
CA GLY I 27 -9.68 -27.62 19.22
C GLY I 27 -10.97 -27.89 18.48
N TRP I 28 -10.88 -28.55 17.33
CA TRP I 28 -12.16 -28.86 16.65
C TRP I 28 -12.05 -30.06 15.72
N LYS I 29 -13.20 -30.63 15.42
CA LYS I 29 -13.31 -31.79 14.54
C LYS I 29 -14.41 -31.56 13.53
N ASP I 30 -14.14 -31.89 12.26
CA ASP I 30 -15.15 -31.88 11.23
C ASP I 30 -15.32 -33.28 10.65
N GLY I 31 -16.48 -33.50 10.03
CA GLY I 31 -16.86 -34.81 9.55
C GLY I 31 -16.72 -34.98 8.06
N ASP I 32 -17.21 -36.12 7.57
CA ASP I 32 -17.12 -36.44 6.16
C ASP I 32 -18.07 -35.59 5.33
N LYS I 33 -17.68 -35.33 4.09
CA LYS I 33 -18.47 -34.47 3.22
C LYS I 33 -18.62 -35.08 1.85
N TYR I 34 -19.87 -35.36 1.47
CA TYR I 34 -20.17 -36.11 0.25
C TYR I 34 -20.90 -35.20 -0.73
N PHE I 35 -20.47 -35.23 -1.99
CA PHE I 35 -21.18 -34.61 -3.09
C PHE I 35 -21.55 -35.72 -4.05
N HIS I 36 -22.84 -35.87 -4.31
CA HIS I 36 -23.33 -36.92 -5.19
C HIS I 36 -24.28 -36.29 -6.19
N ALA I 37 -23.94 -36.35 -7.48
CA ALA I 37 -24.73 -35.69 -8.50
C ALA I 37 -24.97 -36.64 -9.66
N ARG I 38 -26.24 -36.75 -10.07
CA ARG I 38 -26.56 -37.59 -11.23
C ARG I 38 -27.59 -36.88 -12.10
N GLY I 39 -27.34 -36.85 -13.40
CA GLY I 39 -28.35 -36.47 -14.37
C GLY I 39 -28.77 -35.03 -14.36
N ASN I 40 -27.96 -34.15 -13.78
CA ASN I 40 -28.34 -32.75 -13.66
C ASN I 40 -28.25 -32.05 -15.01
N TYR I 41 -28.74 -30.82 -15.04
CA TYR I 41 -28.73 -30.00 -16.24
C TYR I 41 -28.51 -28.56 -15.81
N ASP I 42 -27.45 -27.94 -16.35
CA ASP I 42 -27.14 -26.52 -16.19
C ASP I 42 -26.94 -26.12 -14.72
N ALA I 43 -26.07 -26.84 -14.03
CA ALA I 43 -25.75 -26.50 -12.65
C ALA I 43 -24.47 -25.68 -12.60
N ALA I 44 -24.37 -24.78 -11.63
CA ALA I 44 -23.13 -23.99 -11.41
C ALA I 44 -22.79 -23.10 -12.61
N GLN I 45 -23.73 -22.24 -13.03
CA GLN I 45 -23.49 -21.38 -14.23
C GLN I 45 -23.32 -19.90 -13.82
N ARG I 46 -22.44 -19.16 -14.53
CA ARG I 46 -22.19 -17.75 -14.26
C ARG I 46 -22.08 -17.00 -15.57
N GLY I 47 -22.63 -15.80 -15.62
CA GLY I 47 -22.51 -14.95 -16.79
C GLY I 47 -21.17 -14.24 -16.82
N PRO I 48 -21.05 -13.21 -17.65
CA PRO I 48 -19.77 -12.49 -17.75
C PRO I 48 -19.44 -11.66 -16.52
N GLY I 49 -18.28 -11.06 -16.49
CA GLY I 49 -17.94 -10.15 -15.41
C GLY I 49 -16.48 -10.20 -15.05
N GLY I 50 -15.95 -9.06 -14.63
CA GLY I 50 -14.57 -8.94 -14.21
C GLY I 50 -14.43 -8.99 -12.71
N VAL I 51 -13.24 -9.40 -12.25
CA VAL I 51 -12.97 -9.56 -10.83
C VAL I 51 -11.76 -8.71 -10.49
N TRP I 52 -12.00 -7.61 -9.76
CA TRP I 52 -10.90 -6.69 -9.38
C TRP I 52 -10.54 -6.90 -7.91
N ALA I 53 -9.34 -7.39 -7.62
CA ALA I 53 -8.92 -7.60 -6.24
C ALA I 53 -7.73 -6.72 -5.89
N ALA I 54 -7.99 -5.70 -5.07
CA ALA I 54 -6.94 -4.76 -4.68
C ALA I 54 -6.95 -4.49 -3.18
N GLU I 55 -5.94 -3.80 -2.68
CA GLU I 55 -5.90 -3.44 -1.28
C GLU I 55 -6.17 -1.95 -1.15
N LYS I 56 -6.12 -1.22 -2.26
CA LYS I 56 -6.37 0.21 -2.22
C LYS I 56 -6.34 0.91 -3.56
N ILE I 57 -7.50 1.28 -4.08
CA ILE I 57 -7.54 2.09 -5.29
C ILE I 57 -7.57 3.57 -4.91
N SER I 58 -6.71 4.35 -5.55
CA SER I 58 -6.55 5.79 -5.21
C SER I 58 -6.64 6.69 -6.46
N ASP I 59 -7.40 7.79 -6.37
CA ASP I 59 -7.49 8.77 -7.48
C ASP I 59 -7.81 8.05 -8.79
N ALA I 60 -8.69 7.05 -8.76
CA ALA I 60 -9.11 6.38 -10.01
C ALA I 60 -10.02 7.32 -10.80
N ARG I 61 -9.49 7.91 -11.87
CA ARG I 61 -10.31 8.84 -12.70
C ARG I 61 -10.88 8.23 -13.99
N GLU I 62 -12.21 8.22 -14.11
CA GLU I 62 -12.88 7.66 -15.31
C GLU I 62 -12.41 6.21 -15.41
N SER I 63 -12.30 5.51 -14.28
CA SER I 63 -11.77 4.16 -14.35
C SER I 63 -12.80 3.16 -13.87
N PHE I 64 -12.44 1.87 -13.95
CA PHE I 64 -13.22 0.74 -13.45
C PHE I 64 -14.63 0.72 -14.06
N GLN I 65 -14.65 0.56 -15.37
CA GLN I 65 -15.88 0.64 -16.11
C GLN I 65 -16.08 -0.62 -16.92
N GLU I 66 -17.24 -1.24 -16.77
CA GLU I 66 -17.53 -2.39 -17.59
C GLU I 66 -18.86 -2.19 -18.29
N PHE I 67 -18.86 -2.44 -19.59
CA PHE I 67 -20.03 -2.24 -20.42
C PHE I 67 -20.50 -3.59 -20.93
N PHE I 68 -21.80 -3.83 -20.88
CA PHE I 68 -22.39 -5.06 -21.38
C PHE I 68 -23.37 -4.70 -22.47
N GLY I 69 -23.21 -5.29 -23.65
CA GLY I 69 -24.16 -5.08 -24.73
C GLY I 69 -24.77 -6.37 -25.23
N GLY J 1 -8.69 10.09 1.56
CA GLY J 1 -7.88 11.27 1.79
C GLY J 1 -7.35 11.32 3.21
N PHE J 2 -6.03 11.45 3.34
CA PHE J 2 -5.35 11.48 4.63
C PHE J 2 -4.50 12.74 4.70
N PHE J 3 -4.67 13.50 5.78
CA PHE J 3 -3.91 14.73 5.96
C PHE J 3 -3.47 14.81 7.40
N SER J 4 -2.17 14.81 7.64
CA SER J 4 -1.65 14.81 9.00
C SER J 4 -0.52 15.82 9.12
N PHE J 5 -0.79 16.92 9.83
CA PHE J 5 0.20 17.96 10.04
C PHE J 5 0.65 17.91 11.49
N ILE J 6 1.95 17.86 11.73
CA ILE J 6 2.48 17.86 13.09
C ILE J 6 3.66 18.79 13.24
N GLY J 7 3.55 19.80 14.10
CA GLY J 7 4.62 20.79 14.21
C GLY J 7 5.21 20.85 15.59
N GLU J 8 6.54 20.90 15.72
CA GLU J 8 7.13 20.92 17.08
C GLU J 8 8.34 21.85 17.17
N ALA J 9 8.55 22.49 18.32
CA ALA J 9 9.76 23.31 18.55
C ALA J 9 9.97 24.41 17.50
N PHE J 10 8.90 24.93 16.90
CA PHE J 10 9.12 25.91 15.79
C PHE J 10 8.62 27.31 16.17
N GLN J 11 9.22 28.35 15.58
CA GLN J 11 8.73 29.74 15.80
C GLN J 11 8.29 30.25 14.42
N GLY J 12 7.16 30.96 14.35
CA GLY J 12 6.67 31.34 13.05
C GLY J 12 6.13 32.75 13.08
N ALA J 13 5.82 33.26 11.90
CA ALA J 13 5.18 34.56 11.78
C ALA J 13 3.83 34.50 11.08
N GLY J 14 3.59 33.51 10.22
CA GLY J 14 2.30 33.43 9.58
C GLY J 14 2.13 32.39 8.50
N ASP J 15 0.88 32.05 8.21
CA ASP J 15 0.47 31.26 7.05
C ASP J 15 1.13 29.88 7.00
N MET J 16 0.96 29.13 8.08
CA MET J 16 1.58 27.82 8.18
C MET J 16 0.53 26.75 8.44
N TRP J 17 0.89 25.52 8.06
CA TRP J 17 0.19 24.28 8.41
C TRP J 17 -1.23 24.25 7.84
N ARG J 18 -1.36 24.66 6.58
CA ARG J 18 -2.72 24.79 5.98
C ARG J 18 -3.00 23.67 4.97
N ALA J 19 -4.24 23.18 4.95
CA ALA J 19 -4.67 22.15 4.02
C ALA J 19 -5.91 22.64 3.29
N TYR J 20 -5.82 22.82 1.98
CA TYR J 20 -7.03 23.16 1.17
C TYR J 20 -7.27 21.93 0.29
N THR J 21 -8.44 21.29 0.37
CA THR J 21 -8.60 20.00 -0.34
C THR J 21 -9.73 19.94 -1.36
N ASP J 22 -10.64 20.90 -1.38
CA ASP J 22 -11.70 20.94 -2.44
C ASP J 22 -12.12 22.40 -2.59
N MET J 23 -11.93 22.99 -3.78
CA MET J 23 -12.15 24.46 -3.87
C MET J 23 -12.38 24.83 -5.34
N LYS J 24 -13.65 25.03 -5.73
CA LYS J 24 -13.95 25.34 -7.16
C LYS J 24 -14.35 26.81 -7.25
N GLU J 25 -13.83 27.54 -8.25
CA GLU J 25 -14.11 28.99 -8.34
C GLU J 25 -13.76 29.65 -7.00
N ALA J 26 -12.49 29.57 -6.60
CA ALA J 26 -12.04 30.17 -5.32
C ALA J 26 -11.00 31.25 -5.58
N GLY J 27 -10.84 32.20 -4.65
CA GLY J 27 -9.87 33.25 -4.85
C GLY J 27 -9.41 33.75 -3.50
N TRP J 28 -8.11 34.01 -3.38
CA TRP J 28 -7.68 34.57 -2.07
C TRP J 28 -6.38 35.36 -2.16
N LYS J 29 -6.18 36.21 -1.18
CA LYS J 29 -5.00 37.05 -1.08
C LYS J 29 -4.41 36.98 0.32
N ASP J 30 -3.09 36.85 0.40
CA ASP J 30 -2.39 36.92 1.67
C ASP J 30 -1.41 38.09 1.65
N GLY J 31 -1.04 38.54 2.85
CA GLY J 31 -0.23 39.73 3.01
C GLY J 31 1.22 39.44 3.34
N ASP J 32 1.95 40.50 3.66
CA ASP J 32 3.36 40.39 3.96
C ASP J 32 3.59 39.75 5.31
N LYS J 33 4.72 39.07 5.45
CA LYS J 33 5.01 38.34 6.67
C LYS J 33 6.44 38.59 7.11
N TYR J 34 6.59 39.18 8.30
CA TYR J 34 7.89 39.64 8.78
C TYR J 34 8.29 38.83 10.00
N PHE J 35 9.54 38.38 10.02
CA PHE J 35 10.15 37.78 11.20
C PHE J 35 11.33 38.66 11.57
N HIS J 36 11.32 39.19 12.79
CA HIS J 36 12.37 40.07 13.25
C HIS J 36 12.83 39.58 14.61
N ALA J 37 14.10 39.18 14.71
CA ALA J 37 14.61 38.60 15.94
C ALA J 37 15.94 39.24 16.30
N ARG J 38 16.06 39.68 17.56
CA ARG J 38 17.33 40.24 18.02
C ARG J 38 17.63 39.75 19.42
N GLY J 39 18.86 39.29 19.64
CA GLY J 39 19.37 39.06 20.98
C GLY J 39 18.75 37.91 21.73
N ASN J 40 18.10 36.98 21.04
CA ASN J 40 17.40 35.90 21.70
C ASN J 40 18.40 34.89 22.25
N TYR J 41 17.88 33.94 23.03
CA TYR J 41 18.68 32.89 23.63
C TYR J 41 17.83 31.63 23.67
N ASP J 42 18.34 30.56 23.05
CA ASP J 42 17.76 29.22 23.08
C ASP J 42 16.34 29.17 22.51
N ALA J 43 16.17 29.69 21.30
CA ALA J 43 14.88 29.63 20.64
C ALA J 43 14.84 28.45 19.68
N ALA J 44 13.65 27.86 19.50
CA ALA J 44 13.47 26.76 18.51
C ALA J 44 14.32 25.53 18.84
N GLN J 45 14.18 24.99 20.05
CA GLN J 45 15.01 23.82 20.46
C GLN J 45 14.16 22.53 20.55
N ARG J 46 14.75 21.38 20.19
CA ARG J 46 14.06 20.09 20.24
C ARG J 46 15.01 19.04 20.77
N GLY J 47 14.49 18.14 21.60
CA GLY J 47 15.28 17.03 22.10
C GLY J 47 15.37 15.91 21.08
N PRO J 48 15.78 14.72 21.52
CA PRO J 48 15.92 13.60 20.58
C PRO J 48 14.59 13.06 20.09
N GLY J 49 14.61 12.11 19.18
CA GLY J 49 13.39 11.45 18.75
C GLY J 49 13.43 11.08 17.29
N GLY J 50 12.76 9.97 16.97
CA GLY J 50 12.66 9.49 15.61
C GLY J 50 11.35 9.87 14.97
N VAL J 51 11.35 9.94 13.64
CA VAL J 51 10.19 10.36 12.87
C VAL J 51 9.86 9.25 11.89
N TRP J 52 8.76 8.54 12.14
CA TRP J 52 8.34 7.42 11.26
C TRP J 52 7.16 7.87 10.39
N ALA J 53 7.35 7.96 9.08
CA ALA J 53 6.28 8.36 8.18
C ALA J 53 5.92 7.24 7.22
N ALA J 54 4.75 6.63 7.45
CA ALA J 54 4.31 5.51 6.61
C ALA J 54 2.86 5.67 6.19
N GLU J 55 2.39 4.82 5.29
CA GLU J 55 1.00 4.85 4.88
C GLU J 55 0.30 3.64 5.47
N LYS J 56 1.06 2.68 5.98
CA LYS J 56 0.46 1.49 6.56
C LYS J 56 1.43 0.50 7.17
N ILE J 57 1.50 0.44 8.49
CA ILE J 57 2.31 -0.58 9.14
C ILE J 57 1.43 -1.80 9.43
N SER J 58 1.93 -2.97 9.06
CA SER J 58 1.15 -4.24 9.19
C SER J 58 1.94 -5.34 9.91
N ASP J 59 1.29 -6.04 10.86
CA ASP J 59 1.93 -7.17 11.57
C ASP J 59 3.30 -6.76 12.11
N ALA J 60 3.42 -5.53 12.64
CA ALA J 60 4.69 -5.10 13.26
C ALA J 60 4.86 -5.83 14.58
N ARG J 61 5.74 -6.84 14.62
CA ARG J 61 5.99 -7.59 15.88
C ARG J 61 7.23 -7.18 16.67
N GLU J 62 7.04 -6.74 17.91
CA GLU J 62 8.17 -6.30 18.78
C GLU J 62 8.88 -5.19 18.00
N SER J 63 8.13 -4.31 17.35
CA SER J 63 8.79 -3.31 16.53
C SER J 63 8.48 -1.91 17.05
N PHE J 64 9.09 -0.91 16.41
CA PHE J 64 8.85 0.51 16.66
C PHE J 64 9.08 0.87 18.13
N GLN J 65 10.33 0.69 18.55
CA GLN J 65 10.68 0.85 19.94
C GLN J 65 11.82 1.85 20.05
N GLU J 66 11.63 2.86 20.89
CA GLU J 66 12.71 3.78 21.13
C GLU J 66 12.97 3.88 22.62
N PHE J 67 14.24 3.77 22.99
CA PHE J 67 14.64 3.79 24.39
C PHE J 67 15.47 5.04 24.62
N PHE J 68 15.22 5.72 25.72
CA PHE J 68 15.96 6.90 26.10
C PHE J 68 16.60 6.65 27.45
N GLY J 69 17.91 6.81 27.55
CA GLY J 69 18.59 6.68 28.82
C GLY J 69 19.37 7.93 29.20
N GLY K 1 -10.89 -4.57 12.62
CA GLY K 1 -11.35 -5.85 12.08
C GLY K 1 -12.52 -5.69 11.14
N PHE K 2 -12.38 -6.21 9.93
CA PHE K 2 -13.39 -6.10 8.89
C PHE K 2 -13.72 -7.50 8.40
N PHE K 3 -15.00 -7.84 8.37
CA PHE K 3 -15.45 -9.16 7.93
C PHE K 3 -16.68 -8.97 7.06
N SER K 4 -16.60 -9.36 5.80
CA SER K 4 -17.70 -9.15 4.87
C SER K 4 -17.90 -10.41 4.06
N PHE K 5 -19.02 -11.11 4.33
CA PHE K 5 -19.35 -12.32 3.60
C PHE K 5 -20.53 -12.03 2.71
N ILE K 6 -20.43 -12.35 1.43
CA ILE K 6 -21.54 -12.15 0.49
C ILE K 6 -21.74 -13.36 -0.41
N GLY K 7 -22.91 -13.99 -0.35
CA GLY K 7 -23.12 -15.23 -1.14
C GLY K 7 -24.26 -15.09 -2.12
N GLU K 8 -24.08 -15.56 -3.35
CA GLU K 8 -25.18 -15.39 -4.34
C GLU K 8 -25.31 -16.61 -5.24
N ALA K 9 -26.54 -16.94 -5.67
CA ALA K 9 -26.76 -18.02 -6.64
C ALA K 9 -26.18 -19.38 -6.22
N PHE K 10 -26.07 -19.65 -4.91
CA PHE K 10 -25.39 -20.92 -4.50
C PHE K 10 -26.35 -21.89 -3.83
N GLN K 11 -26.07 -23.19 -3.94
CA GLN K 11 -26.88 -24.22 -3.23
C GLN K 11 -25.94 -24.91 -2.24
N GLY K 12 -26.39 -25.17 -1.01
CA GLY K 12 -25.48 -25.71 -0.04
C GLY K 12 -26.15 -26.78 0.79
N ALA K 13 -25.34 -27.47 1.59
CA ALA K 13 -25.85 -28.44 2.54
C ALA K 13 -25.52 -28.13 3.98
N GLY K 14 -24.44 -27.40 4.24
CA GLY K 14 -24.14 -27.06 5.61
C GLY K 14 -22.82 -26.37 5.86
N ASP K 15 -22.72 -25.70 7.02
CA ASP K 15 -21.48 -25.19 7.59
C ASP K 15 -20.78 -24.19 6.68
N MET K 16 -21.51 -23.16 6.28
CA MET K 16 -20.99 -22.16 5.36
C MET K 16 -21.07 -20.77 5.97
N TRP K 17 -20.19 -19.90 5.47
CA TRP K 17 -20.21 -18.45 5.70
C TRP K 17 -20.01 -18.09 7.17
N ARG K 18 -19.07 -18.77 7.81
CA ARG K 18 -18.88 -18.58 9.28
C ARG K 18 -17.63 -17.77 9.60
N ALA K 19 -17.71 -16.91 10.62
CA ALA K 19 -16.60 -16.09 11.07
C ALA K 19 -16.42 -16.30 12.56
N TYR K 20 -15.28 -16.87 12.96
CA TYR K 20 -14.95 -16.98 14.42
C TYR K 20 -13.77 -16.04 14.62
N THR K 21 -13.87 -15.04 15.51
CA THR K 21 -12.79 -14.02 15.58
C THR K 21 -12.12 -13.87 16.93
N ASP K 22 -12.66 -14.43 18.01
CA ASP K 22 -11.97 -14.40 19.33
C ASP K 22 -12.47 -15.61 20.11
N MET K 23 -11.57 -16.53 20.49
CA MET K 23 -12.08 -17.79 21.08
C MET K 23 -10.95 -18.47 21.87
N LYS K 24 -10.96 -18.31 23.20
CA LYS K 24 -9.86 -18.89 24.03
C LYS K 24 -10.41 -20.10 24.78
N GLU K 25 -9.66 -21.20 24.81
CA GLU K 25 -10.16 -22.44 25.46
C GLU K 25 -11.54 -22.78 24.85
N ALA K 26 -11.58 -23.03 23.54
CA ALA K 26 -12.84 -23.37 22.85
C ALA K 26 -12.77 -24.77 22.26
N GLY K 27 -13.92 -25.42 22.02
CA GLY K 27 -13.89 -26.75 21.46
C GLY K 27 -15.19 -26.99 20.72
N TRP K 28 -15.09 -27.62 19.55
CA TRP K 28 -16.37 -27.90 18.86
C TRP K 28 -16.28 -29.08 17.91
N LYS K 29 -17.43 -29.64 17.59
CA LYS K 29 -17.55 -30.78 16.70
C LYS K 29 -18.65 -30.52 15.68
N ASP K 30 -18.37 -30.84 14.42
CA ASP K 30 -19.37 -30.79 13.37
C ASP K 30 -19.56 -32.17 12.76
N GLY K 31 -20.71 -32.37 12.14
CA GLY K 31 -21.11 -33.67 11.64
C GLY K 31 -20.97 -33.81 10.13
N ASP K 32 -21.47 -34.93 9.63
CA ASP K 32 -21.38 -35.24 8.21
C ASP K 32 -22.30 -34.36 7.40
N LYS K 33 -21.91 -34.09 6.15
CA LYS K 33 -22.69 -33.20 5.31
C LYS K 33 -22.84 -33.79 3.92
N TYR K 34 -24.09 -34.03 3.53
CA TYR K 34 -24.40 -34.76 2.30
C TYR K 34 -25.10 -33.84 1.33
N PHE K 35 -24.66 -33.84 0.08
CA PHE K 35 -25.36 -33.19 -1.02
C PHE K 35 -25.75 -34.29 -2.00
N HIS K 36 -27.04 -34.41 -2.28
CA HIS K 36 -27.54 -35.43 -3.17
C HIS K 36 -28.48 -34.77 -4.17
N ALA K 37 -28.12 -34.83 -5.45
CA ALA K 37 -28.90 -34.14 -6.47
C ALA K 37 -29.15 -35.06 -7.64
N ARG K 38 -30.41 -35.15 -8.06
CA ARG K 38 -30.74 -35.95 -9.23
C ARG K 38 -31.76 -35.23 -10.10
N GLY K 39 -31.50 -35.18 -11.40
CA GLY K 39 -32.50 -34.78 -12.36
C GLY K 39 -32.90 -33.32 -12.33
N ASN K 40 -32.09 -32.47 -11.73
CA ASN K 40 -32.45 -31.07 -11.59
C ASN K 40 -32.34 -30.35 -12.93
N TYR K 41 -32.82 -29.10 -12.94
CA TYR K 41 -32.79 -28.27 -14.12
C TYR K 41 -32.55 -26.83 -13.67
N ASP K 42 -31.48 -26.22 -14.19
CA ASP K 42 -31.16 -24.80 -14.01
C ASP K 42 -30.96 -24.44 -12.53
N ALA K 43 -30.11 -25.18 -11.84
CA ALA K 43 -29.78 -24.86 -10.46
C ALA K 43 -28.49 -24.07 -10.40
N ALA K 44 -28.39 -23.18 -9.40
CA ALA K 44 -27.14 -22.41 -9.16
C ALA K 44 -26.78 -21.51 -10.35
N GLN K 45 -27.71 -20.62 -10.76
CA GLN K 45 -27.46 -19.75 -11.94
C GLN K 45 -27.27 -18.28 -11.51
N ARG K 46 -26.38 -17.54 -12.20
CA ARG K 46 -26.11 -16.14 -11.90
C ARG K 46 -25.98 -15.36 -13.20
N GLY K 47 -26.52 -14.15 -13.23
CA GLY K 47 -26.37 -13.28 -14.38
C GLY K 47 -25.03 -12.60 -14.40
N PRO K 48 -24.88 -11.55 -15.21
CA PRO K 48 -23.61 -10.84 -15.30
C PRO K 48 -23.27 -10.05 -14.05
N GLY K 49 -22.10 -9.45 -14.00
CA GLY K 49 -21.76 -8.56 -12.91
C GLY K 49 -20.29 -8.64 -12.53
N GLY K 50 -19.76 -7.52 -12.09
CA GLY K 50 -18.37 -7.42 -11.67
C GLY K 50 -18.24 -7.50 -10.15
N VAL K 51 -17.07 -7.94 -9.71
CA VAL K 51 -16.80 -8.12 -8.28
C VAL K 51 -15.58 -7.29 -7.92
N TRP K 52 -15.81 -6.20 -7.19
CA TRP K 52 -14.70 -5.30 -6.77
C TRP K 52 -14.36 -5.55 -5.31
N ALA K 53 -13.16 -6.05 -5.02
CA ALA K 53 -12.75 -6.30 -3.65
C ALA K 53 -11.55 -5.43 -3.27
N ALA K 54 -11.80 -4.42 -2.43
CA ALA K 54 -10.75 -3.50 -2.02
C ALA K 54 -10.76 -3.26 -0.53
N GLU K 55 -9.74 -2.59 0.00
CA GLU K 55 -9.71 -2.25 1.40
C GLU K 55 -9.96 -0.76 1.56
N LYS K 56 -9.89 -0.03 0.46
CA LYS K 56 -10.12 1.40 0.53
C LYS K 56 -10.08 2.13 -0.80
N ILE K 57 -11.23 2.53 -1.32
CA ILE K 57 -11.25 3.35 -2.52
C ILE K 57 -11.27 4.83 -2.12
N SER K 58 -10.39 5.61 -2.73
CA SER K 58 -10.23 7.05 -2.38
C SER K 58 -10.29 7.96 -3.61
N ASP K 59 -11.04 9.08 -3.50
CA ASP K 59 -11.11 10.07 -4.59
C ASP K 59 -11.44 9.38 -5.93
N ALA K 60 -12.33 8.39 -5.91
CA ALA K 60 -12.74 7.74 -7.17
C ALA K 60 -13.64 8.71 -7.95
N ARG K 61 -13.09 9.32 -9.01
CA ARG K 61 -13.90 10.26 -9.83
C ARG K 61 -14.47 9.69 -11.13
N GLU K 62 -15.80 9.70 -11.25
CA GLU K 62 -16.47 9.17 -12.47
C GLU K 62 -16.02 7.71 -12.60
N SER K 63 -15.92 6.99 -11.48
CA SER K 63 -15.41 5.63 -11.56
C SER K 63 -16.46 4.63 -11.11
N PHE K 64 -16.11 3.35 -11.21
CA PHE K 64 -16.91 2.22 -10.73
C PHE K 64 -18.31 2.23 -11.34
N GLN K 65 -18.33 2.09 -12.66
CA GLN K 65 -19.56 2.21 -13.41
C GLN K 65 -19.76 0.95 -14.23
N GLU K 66 -20.93 0.36 -14.10
CA GLU K 66 -21.24 -0.79 -14.94
C GLU K 66 -22.56 -0.55 -15.65
N PHE K 67 -22.56 -0.79 -16.95
CA PHE K 67 -23.72 -0.54 -17.78
C PHE K 67 -24.21 -1.89 -18.32
N PHE K 68 -25.51 -2.11 -18.28
CA PHE K 68 -26.11 -3.32 -18.80
C PHE K 68 -27.08 -2.93 -19.90
N GLY K 69 -26.92 -3.50 -21.08
CA GLY K 69 -27.86 -3.26 -22.15
C GLY K 69 -28.49 -4.54 -22.69
N GLY L 1 -12.33 11.25 4.46
CA GLY L 1 -11.51 12.42 4.73
C GLY L 1 -10.98 12.45 6.14
N PHE L 2 -9.67 12.55 6.28
CA PHE L 2 -9.00 12.54 7.57
C PHE L 2 -8.13 13.79 7.67
N PHE L 3 -8.28 14.54 8.75
CA PHE L 3 -7.52 15.77 8.96
C PHE L 3 -7.09 15.81 10.42
N SER L 4 -5.79 15.80 10.66
CA SER L 4 -5.27 15.76 12.02
C SER L 4 -4.14 16.75 12.15
N PHE L 5 -4.39 17.85 12.89
CA PHE L 5 -3.38 18.86 13.12
C PHE L 5 -2.95 18.78 14.56
N ILE L 6 -1.66 18.70 14.82
CA ILE L 6 -1.13 18.67 16.18
C ILE L 6 0.06 19.60 16.35
N GLY L 7 -0.04 20.59 17.23
CA GLY L 7 1.06 21.57 17.35
C GLY L 7 1.63 21.60 18.75
N GLU L 8 2.96 21.63 18.88
CA GLU L 8 3.54 21.61 20.24
C GLU L 8 4.76 22.53 20.35
N ALA L 9 4.98 23.14 21.52
CA ALA L 9 6.19 23.94 21.76
C ALA L 9 6.42 25.06 20.74
N PHE L 10 5.36 25.61 20.14
CA PHE L 10 5.60 26.61 19.05
C PHE L 10 5.11 28.00 19.45
N GLN L 11 5.74 29.04 18.89
CA GLN L 11 5.27 30.43 19.12
C GLN L 11 4.84 30.98 17.76
N GLY L 12 3.71 31.69 17.69
CA GLY L 12 3.23 32.11 16.39
C GLY L 12 2.71 33.52 16.44
N ALA L 13 2.41 34.06 15.26
CA ALA L 13 1.78 35.36 15.16
C ALA L 13 0.44 35.34 14.46
N GLY L 14 0.20 34.37 13.58
CA GLY L 14 -1.09 34.32 12.94
C GLY L 14 -1.26 33.29 11.84
N ASP L 15 -2.52 32.96 11.54
CA ASP L 15 -2.94 32.21 10.36
C ASP L 15 -2.30 30.83 10.29
N MET L 16 -2.48 30.06 11.35
CA MET L 16 -1.88 28.74 11.44
C MET L 16 -2.94 27.68 11.68
N TRP L 17 -2.59 26.46 11.28
CA TRP L 17 -3.31 25.22 11.59
C TRP L 17 -4.73 25.21 11.02
N ARG L 18 -4.85 25.65 9.77
CA ARG L 18 -6.21 25.79 9.17
C ARG L 18 -6.49 24.70 8.14
N ALA L 19 -7.74 24.23 8.10
CA ALA L 19 -8.18 23.22 7.14
C ALA L 19 -9.41 23.73 6.43
N TYR L 20 -9.31 23.94 5.11
CA TYR L 20 -10.51 24.31 4.31
C TYR L 20 -10.76 23.10 3.41
N THR L 21 -11.94 22.47 3.47
CA THR L 21 -12.11 21.18 2.73
C THR L 21 -13.23 21.17 1.71
N ASP L 22 -14.14 22.14 1.69
CA ASP L 22 -15.19 22.21 0.64
C ASP L 22 -15.58 23.68 0.51
N MET L 23 -15.39 24.29 -0.67
CA MET L 23 -15.59 25.75 -0.74
C MET L 23 -15.81 26.16 -2.20
N LYS L 24 -17.07 26.37 -2.59
CA LYS L 24 -17.36 26.72 -4.01
C LYS L 24 -17.74 28.21 -4.09
N GLU L 25 -17.21 28.93 -5.06
CA GLU L 25 -17.47 30.39 -5.15
C GLU L 25 -17.12 31.02 -3.78
N ALA L 26 -15.85 30.92 -3.38
CA ALA L 26 -15.40 31.49 -2.09
C ALA L 26 -14.35 32.57 -2.32
N GLY L 27 -14.17 33.49 -1.37
CA GLY L 27 -13.19 34.54 -1.55
C GLY L 27 -12.73 35.01 -0.19
N TRP L 28 -11.42 35.25 -0.05
CA TRP L 28 -11.00 35.77 1.26
C TRP L 28 -9.69 36.55 1.19
N LYS L 29 -9.48 37.38 2.19
CA LYS L 29 -8.29 38.21 2.30
C LYS L 29 -7.71 38.10 3.70
N ASP L 30 -6.39 37.96 3.79
CA ASP L 30 -5.70 38.00 5.06
C ASP L 30 -4.70 39.15 5.07
N GLY L 31 -4.33 39.58 6.27
CA GLY L 31 -3.51 40.75 6.46
C GLY L 31 -2.07 40.44 6.79
N ASP L 32 -1.33 41.49 7.13
CA ASP L 32 0.09 41.36 7.44
C ASP L 32 0.29 40.69 8.78
N LYS L 33 1.42 39.98 8.91
CA LYS L 33 1.69 39.24 10.13
C LYS L 33 3.12 39.46 10.57
N TYR L 34 3.27 40.02 11.78
CA TYR L 34 4.57 40.46 12.28
C TYR L 34 4.96 39.63 13.48
N PHE L 35 6.20 39.15 13.50
CA PHE L 35 6.80 38.53 14.66
C PHE L 35 7.99 39.39 15.06
N HIS L 36 7.98 39.90 16.29
CA HIS L 36 9.04 40.75 16.77
C HIS L 36 9.49 40.23 18.13
N ALA L 37 10.76 39.83 18.22
CA ALA L 37 11.25 39.22 19.44
C ALA L 37 12.58 39.83 19.82
N ARG L 38 12.70 40.25 21.08
CA ARG L 38 13.97 40.77 21.56
C ARG L 38 14.27 40.26 22.96
N GLY L 39 15.49 39.79 23.18
CA GLY L 39 15.98 39.53 24.51
C GLY L 39 15.34 38.37 25.24
N ASN L 40 14.69 37.47 24.52
CA ASN L 40 13.98 36.38 25.17
C ASN L 40 14.96 35.34 25.71
N TYR L 41 14.42 34.39 26.47
CA TYR L 41 15.20 33.33 27.05
C TYR L 41 14.34 32.07 27.06
N ASP L 42 14.84 31.01 26.43
CA ASP L 42 14.25 29.67 26.44
C ASP L 42 12.83 29.65 25.86
N ALA L 43 12.66 30.20 24.67
CA ALA L 43 11.38 30.16 23.99
C ALA L 43 11.33 29.00 23.01
N ALA L 44 10.14 28.43 22.81
CA ALA L 44 9.94 27.36 21.80
C ALA L 44 10.78 26.11 22.11
N GLN L 45 10.62 25.54 23.32
CA GLN L 45 11.44 24.35 23.72
C GLN L 45 10.58 23.08 23.78
N ARG L 46 11.15 21.92 23.40
CA ARG L 46 10.44 20.64 23.43
C ARG L 46 11.37 19.56 23.94
N GLY L 47 10.85 18.66 24.76
CA GLY L 47 11.61 17.53 25.23
C GLY L 47 11.70 16.43 24.20
N PRO L 48 12.10 15.23 24.61
CA PRO L 48 12.22 14.12 23.67
C PRO L 48 10.88 13.61 23.16
N GLY L 49 10.90 12.67 22.23
CA GLY L 49 9.68 12.04 21.79
C GLY L 49 9.71 11.69 20.31
N GLY L 50 9.03 10.61 19.98
CA GLY L 50 8.93 10.14 18.61
C GLY L 50 7.62 10.55 17.96
N VAL L 51 7.65 10.65 16.64
CA VAL L 51 6.48 11.09 15.87
C VAL L 51 6.15 10.01 14.86
N TRP L 52 5.04 9.29 15.11
CA TRP L 52 4.60 8.20 14.20
C TRP L 52 3.44 8.69 13.33
N ALA L 53 3.64 8.78 12.02
CA ALA L 53 2.57 9.22 11.13
C ALA L 53 2.21 8.12 10.14
N ALA L 54 1.03 7.52 10.35
CA ALA L 54 0.57 6.43 9.50
C ALA L 54 -0.86 6.61 9.07
N GLU L 55 -1.35 5.77 8.15
CA GLU L 55 -2.73 5.83 7.74
C GLU L 55 -3.45 4.62 8.30
N LYS L 56 -2.70 3.65 8.80
CA LYS L 56 -3.32 2.46 9.35
C LYS L 56 -2.37 1.45 9.96
N ILE L 57 -2.31 1.36 11.27
CA ILE L 57 -1.52 0.32 11.91
C ILE L 57 -2.41 -0.90 12.17
N SER L 58 -1.92 -2.07 11.79
CA SER L 58 -2.71 -3.33 11.89
C SER L 58 -1.94 -4.44 12.61
N ASP L 59 -2.61 -5.15 13.53
CA ASP L 59 -1.99 -6.31 14.22
C ASP L 59 -0.61 -5.92 14.78
N ALA L 60 -0.48 -4.71 15.33
CA ALA L 60 0.79 -4.30 15.95
C ALA L 60 0.95 -5.06 17.28
N ARG L 61 1.82 -6.08 17.30
CA ARG L 61 2.04 -6.85 18.55
C ARG L 61 3.29 -6.48 19.35
N GLU L 62 3.09 -6.05 20.59
CA GLU L 62 4.23 -5.65 21.48
C GLU L 62 4.96 -4.53 20.72
N SER L 63 4.22 -3.62 20.08
CA SER L 63 4.90 -2.61 19.28
C SER L 63 4.60 -1.22 19.82
N PHE L 64 5.23 -0.22 19.21
CA PHE L 64 5.01 1.21 19.48
C PHE L 64 5.23 1.53 20.96
N GLN L 65 6.47 1.32 21.37
CA GLN L 65 6.83 1.45 22.77
C GLN L 65 7.97 2.44 22.90
N GLU L 66 7.79 3.42 23.76
CA GLU L 66 8.88 4.34 24.03
C GLU L 66 9.14 4.41 25.52
N PHE L 67 10.40 4.28 25.89
CA PHE L 67 10.80 4.26 27.29
C PHE L 67 11.64 5.50 27.55
N PHE L 68 11.39 6.17 28.66
CA PHE L 68 12.15 7.33 29.06
C PHE L 68 12.78 7.05 30.42
N GLY L 69 14.09 7.19 30.51
CA GLY L 69 14.76 7.03 31.78
C GLY L 69 15.55 8.26 32.20
#